data_3M7O
#
_entry.id   3M7O
#
_cell.length_a   90.299
_cell.length_b   90.299
_cell.length_c   86.714
_cell.angle_alpha   90.00
_cell.angle_beta   90.00
_cell.angle_gamma   90.00
#
_symmetry.space_group_name_H-M   'P 43'
#
loop_
_entity.id
_entity.type
_entity.pdbx_description
1 polymer 'Lymphocyte antigen 86'
2 non-polymer 2-acetamido-2-deoxy-beta-D-glucopyranose
3 non-polymer '(2S)-3-(octadecanoyloxy)-2-[(9Z)-octadec-9-enoyloxy]propyl 2-(trimethylammonio)ethyl phosphate'
4 non-polymer BENZAMIDINE
5 water water
#
_entity_poly.entity_id   1
_entity_poly.type   'polypeptide(L)'
_entity_poly.pdbx_seq_one_letter_code
;MNGVAAALLVWILTSPSSSDHGSENGWPKHTACNSGGLEVVYQSCDPLQDFGLSIDQCSKQIQSNLNIRFGIILRQDIRK
LFLDITLMAKGSSILNYSYPLCEEDQPKFSFCGRRKGEQIYYAGPVNNPGLDVPQGEYQLLLELYNENRATVACANATVT
SS
;
_entity_poly.pdbx_strand_id   A,B,C,D
#
loop_
_chem_comp.id
_chem_comp.type
_chem_comp.name
_chem_comp.formula
BEN non-polymer BENZAMIDINE 'C7 H8 N2'
L9R non-polymer '(2S)-3-(octadecanoyloxy)-2-[(9Z)-octadec-9-enoyloxy]propyl 2-(trimethylammonio)ethyl phosphate' 'C44 H86 N O8 P'
NAG D-saccharide, beta linking 2-acetamido-2-deoxy-beta-D-glucopyranose 'C8 H15 N O6'
#
# COMPACT_ATOMS: atom_id res chain seq x y z
N GLY A 26 -17.29 -5.42 -4.78
CA GLY A 26 -16.35 -6.04 -5.76
C GLY A 26 -16.72 -5.55 -7.15
N TRP A 27 -16.26 -4.35 -7.47
CA TRP A 27 -16.59 -3.67 -8.71
C TRP A 27 -16.10 -4.46 -9.91
N PRO A 28 -16.91 -4.48 -10.98
CA PRO A 28 -16.58 -5.31 -12.14
C PRO A 28 -15.30 -4.87 -12.86
N LYS A 29 -14.66 -5.84 -13.51
CA LYS A 29 -13.48 -5.56 -14.34
C LYS A 29 -13.90 -4.69 -15.50
N HIS A 30 -13.05 -3.72 -15.86
CA HIS A 30 -13.27 -2.89 -17.04
C HIS A 30 -12.03 -2.86 -17.89
N THR A 31 -12.19 -2.85 -19.22
CA THR A 31 -11.09 -2.65 -20.12
C THR A 31 -10.73 -1.19 -20.27
N ALA A 32 -9.52 -0.84 -19.84
CA ALA A 32 -9.02 0.51 -20.08
C ALA A 32 -8.56 0.67 -21.53
N CYS A 33 -7.99 -0.39 -22.08
CA CYS A 33 -7.74 -0.47 -23.52
C CYS A 33 -7.40 -1.89 -23.90
N ASN A 34 -7.57 -2.21 -25.19
CA ASN A 34 -7.10 -3.48 -25.72
C ASN A 34 -6.91 -3.35 -27.22
N SER A 35 -5.67 -3.04 -27.60
CA SER A 35 -5.28 -2.83 -29.01
C SER A 35 -3.79 -2.95 -29.19
N GLY A 36 -3.38 -3.37 -30.38
CA GLY A 36 -1.98 -3.36 -30.78
C GLY A 36 -1.08 -4.20 -29.90
N GLY A 37 -1.65 -5.26 -29.31
CA GLY A 37 -0.87 -6.20 -28.51
C GLY A 37 -0.73 -5.80 -27.04
N LEU A 38 -1.49 -4.79 -26.61
CA LEU A 38 -1.53 -4.41 -25.19
C LEU A 38 -2.96 -4.36 -24.66
N GLU A 39 -3.23 -5.15 -23.62
CA GLU A 39 -4.52 -5.15 -22.96
C GLU A 39 -4.34 -4.67 -21.52
N VAL A 40 -5.15 -3.71 -21.12
CA VAL A 40 -5.12 -3.21 -19.74
C VAL A 40 -6.53 -3.29 -19.17
N VAL A 41 -6.69 -4.13 -18.14
CA VAL A 41 -7.98 -4.33 -17.48
C VAL A 41 -7.81 -3.90 -16.02
N TYR A 42 -8.76 -3.14 -15.48
CA TYR A 42 -8.66 -2.73 -14.07
C TYR A 42 -9.95 -3.00 -13.32
N GLN A 43 -9.82 -2.98 -12.00
CA GLN A 43 -10.96 -3.13 -11.10
C GLN A 43 -10.77 -2.08 -10.01
N SER A 44 -11.80 -1.29 -9.69
CA SER A 44 -11.69 -0.36 -8.56
C SER A 44 -11.57 -1.13 -7.25
N CYS A 45 -10.58 -0.77 -6.45
CA CYS A 45 -10.45 -1.30 -5.07
C CYS A 45 -10.83 -0.30 -3.98
N ASP A 46 -11.61 0.73 -4.33
CA ASP A 46 -12.25 1.58 -3.33
C ASP A 46 -13.61 0.93 -3.03
N PRO A 47 -13.83 0.51 -1.77
CA PRO A 47 -15.13 -0.11 -1.45
C PRO A 47 -16.34 0.81 -1.71
N LEU A 48 -16.12 2.13 -1.71
CA LEU A 48 -17.23 3.08 -1.91
C LEU A 48 -17.77 3.11 -3.33
N GLN A 49 -16.88 2.91 -4.32
CA GLN A 49 -17.29 3.22 -5.69
C GLN A 49 -16.38 2.70 -6.80
N ASP A 50 -16.98 2.58 -7.98
CA ASP A 50 -16.25 2.34 -9.22
C ASP A 50 -15.86 3.71 -9.82
N PHE A 51 -15.06 3.66 -10.87
CA PHE A 51 -14.73 4.84 -11.66
C PHE A 51 -14.40 4.45 -13.09
N GLY A 52 -14.37 5.47 -13.97
CA GLY A 52 -14.02 5.24 -15.36
C GLY A 52 -12.61 5.64 -15.75
N LEU A 53 -11.94 4.74 -16.44
CA LEU A 53 -10.60 4.97 -16.95
C LEU A 53 -10.49 4.32 -18.33
N SER A 54 -10.01 5.07 -19.30
CA SER A 54 -9.69 4.47 -20.60
C SER A 54 -8.39 5.09 -21.06
N ILE A 55 -7.68 4.35 -21.91
CA ILE A 55 -6.38 4.78 -22.38
C ILE A 55 -6.43 4.82 -23.90
N ASP A 56 -5.97 5.93 -24.49
CA ASP A 56 -6.07 6.12 -25.95
C ASP A 56 -4.82 5.53 -26.63
N GLN A 57 -5.00 4.91 -27.80
CA GLN A 57 -3.84 4.46 -28.61
C GLN A 57 -2.92 3.48 -27.90
N CYS A 58 -3.50 2.50 -27.21
CA CYS A 58 -2.68 1.46 -26.60
C CYS A 58 -2.03 0.60 -27.64
N SER A 59 -0.80 0.18 -27.33
CA SER A 59 -0.06 -0.77 -28.12
CA SER A 59 0.00 -0.69 -28.15
C SER A 59 1.09 -1.30 -27.28
N LYS A 60 1.64 -2.43 -27.72
CA LYS A 60 2.74 -3.10 -27.05
C LYS A 60 3.90 -2.12 -26.86
N GLN A 61 4.11 -1.26 -27.87
CA GLN A 61 4.99 -0.12 -27.75
C GLN A 61 4.18 1.07 -27.26
N ILE A 62 4.29 1.34 -25.97
CA ILE A 62 3.60 2.47 -25.34
C ILE A 62 4.34 3.75 -25.73
N GLN A 63 3.62 4.72 -26.30
CA GLN A 63 4.16 6.05 -26.58
C GLN A 63 4.40 6.78 -25.27
N SER A 64 5.37 7.70 -25.28
CA SER A 64 5.52 8.64 -24.17
C SER A 64 4.27 9.50 -24.09
N ASN A 65 3.93 9.97 -22.88
CA ASN A 65 2.74 10.82 -22.66
C ASN A 65 1.46 10.25 -23.25
N LEU A 66 1.08 9.08 -22.74
CA LEU A 66 -0.21 8.46 -23.07
C LEU A 66 -1.35 9.40 -22.76
N ASN A 67 -2.35 9.40 -23.62
CA ASN A 67 -3.56 10.10 -23.34
C ASN A 67 -4.55 9.19 -22.64
N ILE A 68 -5.14 9.67 -21.55
CA ILE A 68 -6.16 8.91 -20.84
C ILE A 68 -7.47 9.70 -20.74
N ARG A 69 -8.55 9.00 -20.38
CA ARG A 69 -9.81 9.62 -19.99
C ARG A 69 -10.17 9.02 -18.63
N PHE A 70 -10.40 9.89 -17.64
CA PHE A 70 -10.57 9.45 -16.26
C PHE A 70 -11.76 10.16 -15.65
N GLY A 71 -12.76 9.40 -15.19
CA GLY A 71 -14.00 9.99 -14.67
C GLY A 71 -14.23 9.45 -13.27
N ILE A 72 -14.45 10.35 -12.31
CA ILE A 72 -14.70 9.90 -10.92
C ILE A 72 -15.50 10.94 -10.14
N ILE A 73 -16.28 10.49 -9.16
CA ILE A 73 -16.90 11.39 -8.18
C ILE A 73 -16.01 11.38 -6.96
N LEU A 74 -15.54 12.56 -6.54
CA LEU A 74 -14.65 12.62 -5.39
C LEU A 74 -15.38 12.31 -4.11
N ARG A 75 -14.78 11.43 -3.30
CA ARG A 75 -15.37 11.12 -1.98
C ARG A 75 -14.51 11.65 -0.83
N GLN A 76 -13.43 12.36 -1.18
CA GLN A 76 -12.60 13.06 -0.24
C GLN A 76 -12.27 14.43 -0.81
N ASP A 77 -11.97 15.40 0.05
CA ASP A 77 -11.44 16.69 -0.39
C ASP A 77 -9.98 16.51 -0.75
N ILE A 78 -9.50 17.32 -1.68
CA ILE A 78 -8.12 17.20 -2.15
C ILE A 78 -7.41 18.55 -2.01
N ARG A 79 -6.45 18.62 -1.09
CA ARG A 79 -5.50 19.75 -1.04
C ARG A 79 -4.17 19.37 -1.68
N LYS A 80 -3.73 18.13 -1.45
CA LYS A 80 -2.56 17.58 -2.12
C LYS A 80 -2.95 16.22 -2.62
N LEU A 81 -2.33 15.78 -3.71
CA LEU A 81 -2.69 14.49 -4.30
C LEU A 81 -1.40 13.78 -4.65
N PHE A 82 -1.36 12.47 -4.38
CA PHE A 82 -0.19 11.62 -4.62
C PHE A 82 -0.61 10.37 -5.37
N LEU A 83 0.29 9.85 -6.21
CA LEU A 83 0.00 8.62 -6.93
C LEU A 83 1.12 7.62 -6.65
N ASP A 84 0.73 6.45 -6.12
CA ASP A 84 1.64 5.33 -5.91
C ASP A 84 1.32 4.21 -6.87
N ILE A 85 2.36 3.63 -7.46
CA ILE A 85 2.18 2.53 -8.40
C ILE A 85 3.04 1.35 -7.97
N THR A 86 2.44 0.16 -7.98
CA THR A 86 3.15 -1.07 -7.62
C THR A 86 3.10 -1.93 -8.87
N LEU A 87 4.26 -2.36 -9.35
CA LEU A 87 4.31 -3.21 -10.55
C LEU A 87 4.93 -4.54 -10.16
N MET A 88 4.25 -5.63 -10.51
CA MET A 88 4.66 -6.99 -10.19
C MET A 88 4.50 -7.90 -11.40
N ALA A 89 5.23 -9.01 -11.44
CA ALA A 89 5.02 -10.03 -12.47
C ALA A 89 5.48 -11.36 -11.91
N LYS A 90 4.75 -12.42 -12.23
CA LYS A 90 5.04 -13.79 -11.80
C LYS A 90 5.26 -13.87 -10.28
N GLY A 91 4.47 -13.11 -9.52
CA GLY A 91 4.56 -13.12 -8.05
C GLY A 91 5.73 -12.39 -7.43
N SER A 92 6.49 -11.66 -8.25
CA SER A 92 7.65 -10.88 -7.78
C SER A 92 7.50 -9.39 -8.04
N SER A 93 8.08 -8.58 -7.16
CA SER A 93 8.15 -7.14 -7.34
C SER A 93 9.10 -6.69 -8.44
N ILE A 94 8.59 -5.83 -9.33
CA ILE A 94 9.42 -5.21 -10.34
C ILE A 94 9.82 -3.81 -9.87
N LEU A 95 8.82 -2.97 -9.54
CA LEU A 95 9.09 -1.60 -9.11
C LEU A 95 7.96 -1.04 -8.22
N ASN A 96 8.36 -0.08 -7.39
CA ASN A 96 7.43 0.72 -6.58
C ASN A 96 7.71 2.14 -6.95
N TYR A 97 6.65 2.94 -7.06
CA TYR A 97 6.71 4.31 -7.52
C TYR A 97 5.77 5.16 -6.65
N SER A 98 6.22 6.37 -6.33
CA SER A 98 5.44 7.33 -5.54
C SER A 98 5.75 8.73 -6.02
N TYR A 99 4.71 9.48 -6.38
CA TYR A 99 4.91 10.81 -6.91
C TYR A 99 3.80 11.78 -6.56
N PRO A 100 4.16 12.99 -6.10
CA PRO A 100 3.19 14.06 -5.84
C PRO A 100 2.65 14.61 -7.15
N LEU A 101 1.34 14.62 -7.28
CA LEU A 101 0.72 15.11 -8.51
C LEU A 101 0.44 16.60 -8.47
N CYS A 102 -0.01 17.07 -7.32
CA CYS A 102 -0.30 18.49 -7.13
C CYS A 102 -0.38 18.86 -5.66
N GLU A 103 -0.16 20.15 -5.40
CA GLU A 103 -0.64 20.84 -4.21
C GLU A 103 -1.57 21.95 -4.70
N GLU A 104 -2.40 22.51 -3.83
CA GLU A 104 -3.42 23.47 -4.29
C GLU A 104 -2.87 24.57 -5.18
N ASP A 105 -3.32 24.54 -6.44
CA ASP A 105 -2.89 25.46 -7.51
C ASP A 105 -1.39 25.39 -7.85
N GLN A 106 -0.86 24.17 -7.81
CA GLN A 106 0.51 23.88 -8.24
C GLN A 106 0.57 22.43 -8.78
N PRO A 107 0.31 22.24 -10.09
CA PRO A 107 -0.06 23.26 -11.09
C PRO A 107 -1.52 23.73 -10.92
N LYS A 108 -1.86 24.84 -11.56
CA LYS A 108 -3.21 25.41 -11.44
C LYS A 108 -4.27 24.51 -12.08
N PHE A 109 -3.90 23.90 -13.20
CA PHE A 109 -4.74 22.96 -13.93
C PHE A 109 -4.51 21.57 -13.33
N SER A 110 -5.21 21.27 -12.24
CA SER A 110 -5.05 20.00 -11.50
C SER A 110 -6.30 19.69 -10.67
N PHE A 111 -6.32 18.52 -10.04
CA PHE A 111 -7.44 18.12 -9.18
C PHE A 111 -7.38 18.77 -7.82
N CYS A 112 -6.23 19.33 -7.46
CA CYS A 112 -6.08 19.93 -6.14
C CYS A 112 -7.00 21.12 -5.99
N GLY A 113 -7.63 21.23 -4.82
CA GLY A 113 -8.65 22.23 -4.55
C GLY A 113 -10.04 21.69 -4.79
N ARG A 114 -10.14 20.52 -5.42
CA ARG A 114 -11.45 19.90 -5.63
C ARG A 114 -11.98 19.31 -4.30
N ARG A 115 -13.29 19.22 -4.21
CA ARG A 115 -13.98 18.90 -2.95
C ARG A 115 -14.89 17.68 -3.07
N LYS A 116 -15.20 17.06 -1.94
CA LYS A 116 -16.16 15.95 -1.89
C LYS A 116 -17.41 16.22 -2.72
N GLY A 117 -17.79 15.26 -3.55
CA GLY A 117 -19.06 15.33 -4.27
C GLY A 117 -18.92 15.89 -5.68
N GLU A 118 -17.81 16.56 -5.96
CA GLU A 118 -17.52 17.05 -7.32
C GLU A 118 -17.29 15.89 -8.28
N GLN A 119 -17.89 15.98 -9.46
CA GLN A 119 -17.75 14.93 -10.46
C GLN A 119 -16.74 15.45 -11.45
N ILE A 120 -15.62 14.73 -11.58
CA ILE A 120 -14.48 15.17 -12.38
C ILE A 120 -14.36 14.33 -13.63
N TYR A 121 -14.07 14.98 -14.76
CA TYR A 121 -13.68 14.26 -15.96
C TYR A 121 -12.37 14.86 -16.47
N TYR A 122 -11.34 14.02 -16.56
CA TYR A 122 -10.03 14.46 -17.04
C TYR A 122 -9.73 13.75 -18.34
N ALA A 123 -9.49 14.51 -19.40
CA ALA A 123 -9.02 13.89 -20.65
C ALA A 123 -7.71 14.57 -21.04
N GLY A 124 -6.62 13.84 -20.91
CA GLY A 124 -5.30 14.42 -21.08
C GLY A 124 -4.15 13.45 -20.90
N PRO A 125 -2.92 13.93 -21.04
CA PRO A 125 -1.75 13.07 -21.00
C PRO A 125 -1.36 12.72 -19.57
N VAL A 126 -0.65 11.60 -19.43
CA VAL A 126 0.08 11.31 -18.20
C VAL A 126 1.52 11.37 -18.67
N ASN A 127 2.44 11.67 -17.77
CA ASN A 127 3.79 11.98 -18.26
C ASN A 127 4.78 10.80 -18.23
N ASN A 128 4.35 9.69 -18.83
CA ASN A 128 5.16 8.49 -18.88
C ASN A 128 6.25 8.52 -19.97
N PRO A 129 7.34 7.79 -19.74
CA PRO A 129 8.31 7.53 -20.80
C PRO A 129 7.73 6.49 -21.76
N GLY A 130 8.17 6.51 -23.01
CA GLY A 130 7.84 5.44 -23.94
C GLY A 130 8.45 4.14 -23.44
N LEU A 131 7.75 3.03 -23.67
CA LEU A 131 8.20 1.75 -23.21
C LEU A 131 7.71 0.67 -24.16
N ASP A 132 8.64 -0.14 -24.66
CA ASP A 132 8.27 -1.36 -25.40
C ASP A 132 8.04 -2.46 -24.38
N VAL A 133 6.78 -2.79 -24.14
CA VAL A 133 6.45 -3.72 -23.08
C VAL A 133 6.74 -5.16 -23.49
N PRO A 134 7.67 -5.82 -22.76
CA PRO A 134 8.01 -7.20 -23.14
C PRO A 134 6.78 -8.10 -22.98
N GLN A 135 6.66 -9.07 -23.88
CA GLN A 135 5.55 -10.02 -23.87
C GLN A 135 5.42 -10.68 -22.51
N GLY A 136 4.20 -10.71 -22.01
CA GLY A 136 3.90 -11.33 -20.72
C GLY A 136 2.75 -10.64 -20.02
N GLU A 137 2.49 -11.07 -18.79
CA GLU A 137 1.44 -10.53 -17.94
C GLU A 137 2.07 -9.80 -16.75
N TYR A 138 1.47 -8.68 -16.39
CA TYR A 138 1.96 -7.86 -15.28
C TYR A 138 0.78 -7.50 -14.42
N GLN A 139 1.02 -7.35 -13.12
CA GLN A 139 0.01 -6.80 -12.23
C GLN A 139 0.42 -5.41 -11.76
N LEU A 140 -0.56 -4.49 -11.73
CA LEU A 140 -0.30 -3.13 -11.41
C LEU A 140 -1.30 -2.77 -10.32
N LEU A 141 -0.83 -2.04 -9.31
CA LEU A 141 -1.74 -1.43 -8.34
C LEU A 141 -1.50 0.07 -8.36
N LEU A 142 -2.58 0.83 -8.55
CA LEU A 142 -2.50 2.29 -8.66
C LEU A 142 -3.31 2.84 -7.48
N GLU A 143 -2.69 3.71 -6.70
CA GLU A 143 -3.33 4.27 -5.50
C GLU A 143 -3.22 5.79 -5.57
N LEU A 144 -4.36 6.46 -5.66
CA LEU A 144 -4.40 7.94 -5.61
C LEU A 144 -4.89 8.36 -4.24
N TYR A 145 -4.12 9.20 -3.54
CA TYR A 145 -4.53 9.61 -2.19
C TYR A 145 -4.18 11.04 -1.87
N ASN A 146 -4.80 11.57 -0.82
CA ASN A 146 -4.67 12.99 -0.49
C ASN A 146 -3.70 13.24 0.65
N GLU A 147 -3.71 14.49 1.16
CA GLU A 147 -2.75 14.95 2.17
C GLU A 147 -2.94 14.24 3.51
N ASN A 148 -4.10 13.63 3.68
CA ASN A 148 -4.42 12.88 4.92
C ASN A 148 -4.30 11.38 4.73
N ARG A 149 -3.64 10.99 3.66
CA ARG A 149 -3.45 9.57 3.33
C ARG A 149 -4.77 8.86 3.06
N ALA A 150 -5.78 9.63 2.69
CA ALA A 150 -7.10 9.06 2.39
C ALA A 150 -7.12 8.68 0.93
N THR A 151 -7.59 7.47 0.68
CA THR A 151 -7.78 6.96 -0.68
C THR A 151 -8.84 7.75 -1.44
N VAL A 152 -8.41 8.31 -2.59
CA VAL A 152 -9.27 9.01 -3.54
C VAL A 152 -9.68 8.04 -4.65
N ALA A 153 -8.75 7.19 -5.08
CA ALA A 153 -9.03 6.14 -6.07
C ALA A 153 -8.03 5.02 -5.87
N CYS A 154 -8.46 3.82 -6.20
CA CYS A 154 -7.61 2.62 -6.05
C CYS A 154 -7.98 1.72 -7.20
N ALA A 155 -6.98 1.20 -7.93
CA ALA A 155 -7.32 0.23 -8.97
C ALA A 155 -6.27 -0.86 -9.03
N ASN A 156 -6.70 -2.11 -9.03
CA ASN A 156 -5.75 -3.12 -9.39
C ASN A 156 -6.00 -3.56 -10.80
N ALA A 157 -4.91 -3.73 -11.52
CA ALA A 157 -4.97 -3.89 -12.95
C ALA A 157 -4.09 -5.03 -13.40
N THR A 158 -4.45 -5.59 -14.56
CA THR A 158 -3.64 -6.60 -15.22
C THR A 158 -3.27 -6.04 -16.59
N VAL A 159 -1.99 -6.17 -16.95
CA VAL A 159 -1.49 -5.70 -18.23
C VAL A 159 -0.94 -6.89 -18.97
N THR A 160 -1.45 -7.11 -20.19
CA THR A 160 -1.03 -8.25 -20.99
C THR A 160 -0.41 -7.73 -22.29
N SER A 161 0.85 -8.06 -22.50
CA SER A 161 1.55 -7.72 -23.71
C SER A 161 1.68 -9.01 -24.52
N SER A 162 1.20 -8.98 -25.76
CA SER A 162 1.16 -10.20 -26.56
C SER A 162 1.71 -9.93 -27.95
N GLY B 26 36.67 11.34 -3.84
CA GLY B 26 36.12 10.05 -4.35
C GLY B 26 36.65 9.62 -5.71
N TRP B 27 36.06 8.56 -6.26
CA TRP B 27 36.48 8.02 -7.55
C TRP B 27 36.18 8.98 -8.71
N PRO B 28 36.98 8.93 -9.79
CA PRO B 28 36.71 9.77 -10.95
C PRO B 28 35.36 9.47 -11.61
N LYS B 29 34.72 10.49 -12.16
CA LYS B 29 33.51 10.27 -12.91
C LYS B 29 33.90 9.61 -14.22
N HIS B 30 33.02 8.77 -14.74
CA HIS B 30 33.23 8.13 -16.04
C HIS B 30 32.00 8.28 -16.91
N THR B 31 32.19 8.44 -18.22
CA THR B 31 31.10 8.52 -19.16
C THR B 31 30.84 7.10 -19.67
N ALA B 32 29.66 6.55 -19.37
CA ALA B 32 29.29 5.25 -19.93
C ALA B 32 28.92 5.35 -21.41
N CYS B 33 28.24 6.43 -21.77
CA CYS B 33 28.03 6.78 -23.17
C CYS B 33 27.56 8.23 -23.29
N ASN B 34 27.74 8.75 -24.50
CA ASN B 34 27.15 10.05 -24.87
C ASN B 34 26.97 10.08 -26.38
N SER B 35 25.73 9.84 -26.81
CA SER B 35 25.39 9.71 -28.22
C SER B 35 23.90 9.73 -28.39
N GLY B 36 23.46 10.20 -29.55
CA GLY B 36 22.05 10.22 -29.93
C GLY B 36 21.16 10.98 -28.95
N GLY B 37 21.71 11.96 -28.26
CA GLY B 37 20.94 12.82 -27.37
C GLY B 37 20.77 12.24 -25.98
N LEU B 38 21.53 11.18 -25.69
CA LEU B 38 21.60 10.60 -24.34
C LEU B 38 23.02 10.54 -23.78
N GLU B 39 23.21 11.18 -22.64
CA GLU B 39 24.46 11.12 -21.92
C GLU B 39 24.26 10.35 -20.62
N VAL B 40 25.14 9.40 -20.33
CA VAL B 40 25.12 8.66 -19.06
C VAL B 40 26.49 8.77 -18.42
N VAL B 41 26.54 9.37 -17.23
CA VAL B 41 27.77 9.55 -16.48
C VAL B 41 27.62 8.88 -15.12
N TYR B 42 28.62 8.13 -14.67
CA TYR B 42 28.53 7.49 -13.36
C TYR B 42 29.77 7.73 -12.51
N GLN B 43 29.61 7.55 -11.21
CA GLN B 43 30.71 7.54 -10.28
C GLN B 43 30.51 6.42 -9.29
N SER B 44 31.51 5.58 -9.07
CA SER B 44 31.42 4.54 -8.06
C SER B 44 31.19 5.13 -6.66
N CYS B 45 30.20 4.59 -5.95
CA CYS B 45 29.96 4.86 -4.54
C CYS B 45 30.43 3.76 -3.61
N ASP B 46 31.27 2.85 -4.11
CA ASP B 46 31.97 1.90 -3.26
C ASP B 46 33.31 2.57 -2.92
N PRO B 47 33.54 2.87 -1.62
CA PRO B 47 34.83 3.45 -1.24
C PRO B 47 35.99 2.51 -1.54
N LEU B 48 35.72 1.21 -1.62
CA LEU B 48 36.77 0.21 -1.83
C LEU B 48 37.30 0.11 -3.25
N GLN B 49 36.45 0.36 -4.25
CA GLN B 49 36.87 0.24 -5.65
C GLN B 49 36.02 0.97 -6.68
N ASP B 50 36.63 1.16 -7.83
CA ASP B 50 35.99 1.72 -8.98
C ASP B 50 35.65 0.54 -9.89
N PHE B 51 35.00 0.84 -11.00
CA PHE B 51 34.67 -0.15 -12.02
C PHE B 51 34.47 0.51 -13.36
N GLY B 52 34.55 -0.30 -14.42
CA GLY B 52 34.39 0.18 -15.77
C GLY B 52 33.08 -0.25 -16.39
N LEU B 53 32.39 0.71 -17.02
CA LEU B 53 31.14 0.46 -17.70
C LEU B 53 31.09 1.34 -18.93
N SER B 54 30.87 0.70 -20.09
CA SER B 54 30.54 1.45 -21.28
C SER B 54 29.32 0.84 -21.94
N ILE B 55 28.54 1.68 -22.58
CA ILE B 55 27.30 1.26 -23.24
C ILE B 55 27.33 1.63 -24.73
N ASP B 56 26.98 0.67 -25.59
CA ASP B 56 27.00 0.90 -27.03
C ASP B 56 25.65 1.38 -27.53
N GLN B 57 25.66 2.22 -28.56
CA GLN B 57 24.44 2.66 -29.24
C GLN B 57 23.44 3.39 -28.32
N CYS B 58 23.96 4.17 -27.37
CA CYS B 58 23.09 5.03 -26.58
C CYS B 58 22.37 6.03 -27.45
N SER B 59 21.13 6.32 -27.07
CA SER B 59 20.29 7.30 -27.74
CA SER B 59 20.31 7.35 -27.71
C SER B 59 19.10 7.63 -26.84
N LYS B 60 18.43 8.75 -27.10
CA LYS B 60 17.22 9.15 -26.37
C LYS B 60 16.18 8.04 -26.46
N GLN B 61 16.08 7.45 -27.64
CA GLN B 61 15.25 6.27 -27.88
C GLN B 61 16.15 5.08 -27.63
N ILE B 62 16.08 4.53 -26.41
CA ILE B 62 16.94 3.40 -26.03
C ILE B 62 16.44 2.12 -26.68
N GLN B 63 17.29 1.46 -27.46
CA GLN B 63 16.92 0.20 -28.06
C GLN B 63 16.86 -0.87 -26.99
N SER B 64 16.01 -1.88 -27.16
CA SER B 64 16.01 -3.02 -26.25
C SER B 64 17.35 -3.75 -26.35
N ASN B 65 17.71 -4.43 -25.27
CA ASN B 65 18.90 -5.30 -25.21
C ASN B 65 20.18 -4.59 -25.65
N LEU B 66 20.49 -3.48 -24.98
CA LEU B 66 21.76 -2.78 -25.18
C LEU B 66 22.95 -3.70 -24.93
N ASN B 67 24.03 -3.45 -25.67
CA ASN B 67 25.32 -4.09 -25.43
C ASN B 67 26.15 -3.22 -24.49
N ILE B 68 26.75 -3.86 -23.51
CA ILE B 68 27.66 -3.18 -22.58
C ILE B 68 29.02 -3.87 -22.49
N ARG B 69 30.00 -3.13 -21.98
CA ARG B 69 31.26 -3.67 -21.49
C ARG B 69 31.40 -3.27 -20.04
N PHE B 70 31.62 -4.26 -19.18
CA PHE B 70 31.64 -4.06 -17.74
C PHE B 70 32.86 -4.76 -17.18
N GLY B 71 33.69 -4.03 -16.43
CA GLY B 71 34.92 -4.59 -15.86
C GLY B 71 34.99 -4.30 -14.37
N ILE B 72 35.15 -5.34 -13.55
CA ILE B 72 35.25 -5.17 -12.10
C ILE B 72 36.04 -6.31 -11.47
N ILE B 73 36.69 -6.02 -10.35
CA ILE B 73 37.29 -7.06 -9.51
C ILE B 73 36.30 -7.49 -8.44
N LEU B 74 35.88 -8.76 -8.45
CA LEU B 74 34.93 -9.25 -7.47
C LEU B 74 35.49 -9.23 -6.06
N ARG B 75 34.80 -8.52 -5.17
CA ARG B 75 35.17 -8.48 -3.76
C ARG B 75 34.23 -9.35 -2.94
N GLN B 76 33.48 -10.20 -3.64
CA GLN B 76 32.56 -11.19 -3.05
C GLN B 76 32.45 -12.40 -3.97
N ASP B 77 32.20 -13.57 -3.39
CA ASP B 77 31.80 -14.74 -4.18
C ASP B 77 30.36 -14.51 -4.61
N ILE B 78 30.04 -14.81 -5.87
CA ILE B 78 28.67 -14.65 -6.34
C ILE B 78 27.93 -15.99 -6.38
N ARG B 79 26.89 -16.10 -5.56
CA ARG B 79 25.92 -17.18 -5.71
C ARG B 79 24.64 -16.58 -6.31
N LYS B 80 24.04 -15.64 -5.58
CA LYS B 80 22.93 -14.84 -6.09
C LYS B 80 23.42 -13.41 -6.33
N LEU B 81 22.87 -12.76 -7.37
CA LEU B 81 23.20 -11.35 -7.65
C LEU B 81 21.93 -10.60 -8.01
N PHE B 82 21.85 -9.35 -7.57
CA PHE B 82 20.65 -8.53 -7.77
C PHE B 82 21.06 -7.12 -8.18
N LEU B 83 20.25 -6.48 -9.02
CA LEU B 83 20.48 -5.08 -9.38
C LEU B 83 19.31 -4.25 -8.89
N ASP B 84 19.60 -3.23 -8.10
CA ASP B 84 18.60 -2.22 -7.75
C ASP B 84 18.92 -0.97 -8.55
N ILE B 85 17.89 -0.32 -9.08
CA ILE B 85 18.05 1.00 -9.69
C ILE B 85 17.01 1.87 -9.03
N THR B 86 17.46 2.98 -8.44
CA THR B 86 16.54 3.95 -7.84
C THR B 86 16.59 5.29 -8.56
N LEU B 87 15.43 5.75 -9.02
CA LEU B 87 15.31 7.08 -9.60
C LEU B 87 15.03 8.08 -8.47
N MET B 88 15.85 9.12 -8.42
CA MET B 88 15.72 10.16 -7.42
C MET B 88 15.09 11.41 -8.04
N ALA B 89 14.45 12.21 -7.19
CA ALA B 89 13.95 13.52 -7.58
C ALA B 89 13.91 14.36 -6.33
N LYS B 90 14.81 15.34 -6.27
CA LYS B 90 14.95 16.24 -5.11
C LYS B 90 15.29 15.48 -3.84
N GLY B 91 16.24 14.55 -3.93
CA GLY B 91 16.67 13.75 -2.78
C GLY B 91 15.71 12.67 -2.30
N SER B 92 14.53 12.58 -2.91
CA SER B 92 13.59 11.49 -2.61
C SER B 92 13.67 10.41 -3.68
N SER B 93 13.56 9.16 -3.26
CA SER B 93 13.48 8.06 -4.21
C SER B 93 12.04 7.92 -4.65
N ILE B 94 11.76 8.33 -5.88
CA ILE B 94 10.42 8.25 -6.44
C ILE B 94 10.12 6.95 -7.14
N LEU B 95 11.16 6.17 -7.46
CA LEU B 95 10.98 4.90 -8.14
C LEU B 95 12.11 3.97 -7.73
N ASN B 96 11.74 2.83 -7.18
CA ASN B 96 12.68 1.77 -6.84
C ASN B 96 12.43 0.57 -7.73
N TYR B 97 13.45 0.17 -8.50
CA TYR B 97 13.35 -0.97 -9.39
C TYR B 97 14.39 -2.03 -8.97
N SER B 98 14.06 -3.30 -9.15
CA SER B 98 15.02 -4.37 -8.87
C SER B 98 14.89 -5.54 -9.84
N TYR B 99 16.03 -6.15 -10.15
CA TYR B 99 16.09 -7.28 -11.08
C TYR B 99 17.06 -8.36 -10.58
N PRO B 100 16.60 -9.61 -10.47
CA PRO B 100 17.55 -10.66 -10.07
C PRO B 100 18.33 -11.13 -11.30
N LEU B 101 19.64 -11.28 -11.14
CA LEU B 101 20.49 -11.64 -12.29
C LEU B 101 20.85 -13.11 -12.38
N CYS B 102 20.74 -13.83 -11.28
CA CYS B 102 21.14 -15.24 -11.22
C CYS B 102 19.98 -16.19 -10.92
N PHE B 109 23.33 -15.64 -16.97
CA PHE B 109 24.32 -14.56 -16.87
C PHE B 109 25.64 -15.10 -16.33
N SER B 110 26.71 -14.90 -17.10
CA SER B 110 28.03 -15.49 -16.80
C SER B 110 28.69 -15.03 -15.49
N PHE B 111 28.34 -13.84 -15.01
CA PHE B 111 28.78 -13.34 -13.71
C PHE B 111 28.50 -14.32 -12.58
N CYS B 112 27.36 -15.01 -12.70
CA CYS B 112 26.88 -15.90 -11.66
C CYS B 112 27.86 -17.06 -11.47
N GLY B 113 28.23 -17.30 -10.23
CA GLY B 113 29.12 -18.41 -9.88
C GLY B 113 30.59 -18.05 -9.88
N ARG B 114 30.92 -16.82 -10.25
CA ARG B 114 32.31 -16.37 -10.23
C ARG B 114 32.80 -16.11 -8.79
N ARG B 115 34.12 -16.06 -8.62
CA ARG B 115 34.73 -16.14 -7.30
C ARG B 115 35.44 -14.87 -6.85
N LYS B 116 35.54 -14.72 -5.52
CA LYS B 116 36.32 -13.63 -4.92
C LYS B 116 37.71 -13.44 -5.54
N GLY B 117 38.03 -12.18 -5.84
CA GLY B 117 39.35 -11.84 -6.35
C GLY B 117 39.47 -11.84 -7.87
N GLU B 118 38.53 -12.50 -8.56
CA GLU B 118 38.54 -12.56 -10.03
C GLU B 118 38.31 -11.19 -10.64
N GLN B 119 39.14 -10.91 -11.65
CA GLN B 119 38.99 -9.76 -12.51
C GLN B 119 37.98 -10.12 -13.60
N ILE B 120 36.78 -9.55 -13.54
CA ILE B 120 35.73 -9.91 -14.50
C ILE B 120 35.66 -8.89 -15.64
N TYR B 121 35.63 -9.42 -16.87
CA TYR B 121 35.36 -8.62 -18.06
C TYR B 121 34.05 -9.20 -18.68
N TYR B 122 32.96 -8.43 -18.66
CA TYR B 122 31.72 -8.86 -19.33
C TYR B 122 31.41 -7.95 -20.54
N ALA B 123 31.27 -8.54 -21.73
CA ALA B 123 30.87 -7.77 -22.90
C ALA B 123 29.68 -8.50 -23.48
N GLY B 124 28.52 -7.86 -23.48
CA GLY B 124 27.34 -8.53 -24.00
C GLY B 124 26.06 -7.78 -23.69
N PRO B 125 24.91 -8.38 -23.99
CA PRO B 125 23.63 -7.68 -23.83
C PRO B 125 23.17 -7.58 -22.38
N VAL B 126 22.35 -6.57 -22.12
CA VAL B 126 21.62 -6.49 -20.86
C VAL B 126 20.17 -6.65 -21.23
N ASN B 127 19.35 -7.03 -20.28
CA ASN B 127 18.02 -7.45 -20.65
C ASN B 127 16.99 -6.31 -20.72
N ASN B 128 17.45 -5.08 -20.99
CA ASN B 128 16.57 -3.89 -20.92
C ASN B 128 15.47 -3.87 -21.98
N PRO B 129 14.29 -3.32 -21.62
CA PRO B 129 13.30 -3.07 -22.66
C PRO B 129 13.62 -1.79 -23.42
N GLY B 130 13.05 -1.65 -24.61
CA GLY B 130 13.08 -0.40 -25.35
C GLY B 130 12.43 0.69 -24.50
N LEU B 131 13.06 1.87 -24.47
CA LEU B 131 12.60 2.96 -23.62
C LEU B 131 12.85 4.29 -24.34
N ASP B 132 11.86 5.19 -24.29
CA ASP B 132 12.02 6.50 -24.88
C ASP B 132 12.19 7.50 -23.75
N VAL B 133 13.40 8.00 -23.55
CA VAL B 133 13.71 8.88 -22.41
C VAL B 133 13.27 10.33 -22.70
N PRO B 134 12.29 10.87 -21.94
CA PRO B 134 11.87 12.27 -22.17
C PRO B 134 13.02 13.23 -21.86
N GLN B 135 13.07 14.34 -22.58
CA GLN B 135 14.05 15.38 -22.33
C GLN B 135 14.12 15.73 -20.84
N GLY B 136 15.34 15.81 -20.31
CA GLY B 136 15.56 16.14 -18.91
C GLY B 136 16.81 15.51 -18.34
N GLU B 137 17.03 15.78 -17.05
CA GLU B 137 18.16 15.23 -16.32
C GLU B 137 17.61 14.29 -15.26
N TYR B 138 18.26 13.14 -15.10
CA TYR B 138 17.77 12.13 -14.17
C TYR B 138 18.89 11.61 -13.31
N GLN B 139 18.71 11.67 -11.99
CA GLN B 139 19.71 11.17 -11.07
C GLN B 139 19.31 9.77 -10.62
N LEU B 140 20.23 8.83 -10.78
CA LEU B 140 19.98 7.43 -10.40
C LEU B 140 21.01 6.90 -9.42
N LEU B 141 20.58 5.95 -8.59
CA LEU B 141 21.49 5.17 -7.76
C LEU B 141 21.40 3.73 -8.23
N LEU B 142 22.53 3.12 -8.59
CA LEU B 142 22.53 1.75 -9.05
C LEU B 142 23.33 0.90 -8.09
N GLU B 143 22.81 -0.28 -7.76
CA GLU B 143 23.50 -1.13 -6.80
C GLU B 143 23.44 -2.57 -7.28
N LEU B 144 24.61 -3.23 -7.33
CA LEU B 144 24.71 -4.67 -7.51
C LEU B 144 25.10 -5.29 -6.18
N TYR B 145 24.38 -6.35 -5.78
CA TYR B 145 24.64 -6.96 -4.48
C TYR B 145 24.28 -8.45 -4.45
N ASN B 146 24.85 -9.17 -3.47
CA ASN B 146 24.60 -10.60 -3.24
C ASN B 146 23.34 -10.87 -2.41
N GLU B 147 23.18 -12.12 -1.98
CA GLU B 147 22.04 -12.57 -1.15
C GLU B 147 21.84 -11.83 0.16
N ASN B 148 22.93 -11.26 0.69
CA ASN B 148 22.94 -10.62 2.01
C ASN B 148 22.84 -9.09 1.95
N ARG B 149 22.63 -8.58 0.75
CA ARG B 149 22.80 -7.17 0.39
C ARG B 149 24.22 -6.64 0.64
N ALA B 150 25.20 -7.52 0.43
CA ALA B 150 26.62 -7.14 0.41
C ALA B 150 27.03 -6.58 -0.95
N THR B 151 27.68 -5.42 -0.93
CA THR B 151 27.96 -4.63 -2.13
C THR B 151 28.93 -5.32 -3.10
N VAL B 152 28.51 -5.45 -4.36
CA VAL B 152 29.38 -5.89 -5.44
C VAL B 152 29.81 -4.66 -6.25
N ALA B 153 28.85 -3.75 -6.50
CA ALA B 153 29.10 -2.50 -7.20
C ALA B 153 28.03 -1.49 -6.77
N CYS B 154 28.40 -0.21 -6.78
CA CYS B 154 27.50 0.89 -6.42
C CYS B 154 27.90 2.06 -7.30
N ALA B 155 26.92 2.69 -7.93
CA ALA B 155 27.18 3.93 -8.66
C ALA B 155 26.05 4.95 -8.57
N ASN B 156 26.43 6.21 -8.40
CA ASN B 156 25.54 7.34 -8.64
C ASN B 156 25.65 7.67 -10.11
N ALA B 157 24.52 7.77 -10.79
CA ALA B 157 24.52 8.10 -12.21
C ALA B 157 23.67 9.31 -12.54
N THR B 158 24.13 10.06 -13.53
CA THR B 158 23.34 11.14 -14.07
C THR B 158 23.06 10.87 -15.52
N VAL B 159 21.79 10.80 -15.86
CA VAL B 159 21.37 10.53 -17.23
C VAL B 159 20.73 11.79 -17.81
N THR B 160 21.30 12.27 -18.92
CA THR B 160 20.79 13.49 -19.55
C THR B 160 20.21 13.20 -20.93
N SER B 161 18.95 13.60 -21.13
CA SER B 161 18.27 13.43 -22.39
C SER B 161 18.01 14.81 -23.00
N SER B 162 18.45 14.99 -24.25
CA SER B 162 18.45 16.31 -24.91
C SER B 162 18.14 16.21 -26.41
N GLY C 26 -32.48 16.06 13.07
CA GLY C 26 -32.25 14.62 12.71
C GLY C 26 -33.10 13.68 13.54
N TRP C 27 -32.88 12.37 13.35
CA TRP C 27 -33.55 11.34 14.15
C TRP C 27 -33.09 11.40 15.60
N PRO C 28 -33.90 10.87 16.54
CA PRO C 28 -33.42 10.85 17.92
C PRO C 28 -32.15 10.02 18.11
N LYS C 29 -31.42 10.35 19.15
CA LYS C 29 -30.22 9.59 19.51
C LYS C 29 -30.64 8.49 20.44
N HIS C 30 -30.43 7.24 20.05
CA HIS C 30 -30.93 6.11 20.86
C HIS C 30 -29.79 5.47 21.64
N THR C 31 -30.12 4.92 22.81
CA THR C 31 -29.12 4.19 23.60
C THR C 31 -29.17 2.73 23.23
N ALA C 32 -28.13 2.24 22.58
CA ALA C 32 -28.07 0.81 22.31
C ALA C 32 -27.72 0.02 23.56
N CYS C 33 -26.85 0.56 24.41
CA CYS C 33 -26.68 0.00 25.76
C CYS C 33 -25.89 0.96 26.61
N ASN C 34 -25.94 0.71 27.92
CA ASN C 34 -25.11 1.44 28.85
C ASN C 34 -24.99 0.60 30.11
N SER C 35 -23.89 -0.15 30.19
CA SER C 35 -23.71 -1.14 31.24
C SER C 35 -22.24 -1.47 31.35
N GLY C 36 -21.76 -1.80 32.55
CA GLY C 36 -20.39 -2.33 32.72
C GLY C 36 -19.29 -1.41 32.25
N GLY C 37 -19.55 -0.10 32.28
CA GLY C 37 -18.56 0.89 31.88
C GLY C 37 -18.54 1.18 30.40
N LEU C 38 -19.51 0.65 29.65
CA LEU C 38 -19.58 0.94 28.21
C LEU C 38 -20.93 1.51 27.86
N GLU C 39 -20.91 2.64 27.15
CA GLU C 39 -22.15 3.28 26.65
C GLU C 39 -22.04 3.39 25.15
N VAL C 40 -23.10 2.95 24.47
CA VAL C 40 -23.22 3.05 23.01
C VAL C 40 -24.51 3.81 22.67
N VAL C 41 -24.37 4.95 22.00
CA VAL C 41 -25.50 5.80 21.59
C VAL C 41 -25.35 5.96 20.08
N TYR C 42 -26.44 5.85 19.33
CA TYR C 42 -26.35 5.98 17.90
C TYR C 42 -27.47 6.87 17.36
N GLN C 43 -27.26 7.36 16.14
CA GLN C 43 -28.30 8.15 15.45
C GLN C 43 -28.32 7.71 13.99
N SER C 44 -29.49 7.40 13.48
CA SER C 44 -29.62 7.05 12.06
C SER C 44 -29.18 8.23 11.22
N CYS C 45 -28.31 7.95 10.24
CA CYS C 45 -27.90 8.96 9.22
C CYS C 45 -28.60 8.75 7.88
N ASP C 46 -29.64 7.91 7.87
CA ASP C 46 -30.50 7.75 6.71
C ASP C 46 -31.66 8.72 6.85
N PRO C 47 -31.67 9.81 6.03
CA PRO C 47 -32.71 10.81 6.25
C PRO C 47 -34.11 10.22 6.09
N LEU C 48 -34.20 9.10 5.38
CA LEU C 48 -35.47 8.46 5.12
C LEU C 48 -36.10 7.74 6.33
N GLN C 49 -35.28 7.15 7.21
CA GLN C 49 -35.84 6.34 8.30
C GLN C 49 -34.88 6.11 9.45
N ASP C 50 -35.47 5.80 10.60
CA ASP C 50 -34.74 5.42 11.81
C ASP C 50 -34.76 3.89 11.90
N PHE C 51 -34.03 3.34 12.87
CA PHE C 51 -34.10 1.90 13.13
C PHE C 51 -33.83 1.65 14.61
N GLY C 52 -34.22 0.48 15.10
CA GLY C 52 -34.00 0.13 16.49
C GLY C 52 -32.88 -0.86 16.68
N LEU C 53 -32.02 -0.58 17.66
CA LEU C 53 -30.91 -1.49 17.99
C LEU C 53 -30.64 -1.41 19.47
N SER C 54 -30.63 -2.57 20.14
CA SER C 54 -30.18 -2.61 21.50
C SER C 54 -29.26 -3.84 21.65
N ILE C 55 -28.35 -3.75 22.61
CA ILE C 55 -27.32 -4.77 22.79
C ILE C 55 -27.40 -5.27 24.22
N ASP C 56 -27.44 -6.58 24.41
CA ASP C 56 -27.52 -7.11 25.76
C ASP C 56 -26.13 -7.34 26.39
N GLN C 57 -26.01 -7.11 27.70
CA GLN C 57 -24.75 -7.37 28.43
C GLN C 57 -23.55 -6.61 27.89
N CYS C 58 -23.76 -5.34 27.55
CA CYS C 58 -22.62 -4.46 27.28
C CYS C 58 -21.73 -4.33 28.49
N SER C 59 -20.43 -4.20 28.22
CA SER C 59 -19.41 -3.90 29.22
CA SER C 59 -19.41 -3.96 29.21
C SER C 59 -18.14 -3.50 28.51
N LYS C 60 -17.21 -2.89 29.25
CA LYS C 60 -15.92 -2.49 28.69
C LYS C 60 -15.24 -3.73 28.12
N GLN C 61 -15.41 -4.85 28.81
CA GLN C 61 -14.95 -6.13 28.33
C GLN C 61 -16.11 -6.76 27.56
N ILE C 62 -16.13 -6.54 26.24
CA ILE C 62 -17.19 -7.06 25.35
C ILE C 62 -17.04 -8.57 25.17
N GLN C 63 -18.09 -9.32 25.56
CA GLN C 63 -18.12 -10.78 25.38
C GLN C 63 -18.25 -11.11 23.89
N SER C 64 -17.65 -12.21 23.46
CA SER C 64 -17.93 -12.72 22.11
C SER C 64 -19.41 -13.09 21.97
N ASN C 65 -19.92 -12.99 20.75
CA ASN C 65 -21.32 -13.40 20.44
C ASN C 65 -22.36 -12.69 21.32
N LEU C 66 -22.33 -11.37 21.27
CA LEU C 66 -23.38 -10.56 21.90
C LEU C 66 -24.76 -10.90 21.35
N ASN C 67 -25.77 -10.73 22.19
CA ASN C 67 -27.16 -10.80 21.75
C ASN C 67 -27.65 -9.39 21.50
N ILE C 68 -28.36 -9.22 20.40
CA ILE C 68 -28.88 -7.91 20.07
C ILE C 68 -30.33 -8.00 19.73
N ARG C 69 -30.99 -6.84 19.67
CA ARG C 69 -32.32 -6.66 19.14
C ARG C 69 -32.22 -5.59 18.06
N PHE C 70 -32.62 -5.95 16.85
CA PHE C 70 -32.47 -5.07 15.68
C PHE C 70 -33.78 -5.06 14.91
N GLY C 71 -34.36 -3.87 14.76
CA GLY C 71 -35.64 -3.76 14.04
C GLY C 71 -35.55 -2.68 12.98
N ILE C 72 -35.97 -3.02 11.76
CA ILE C 72 -35.92 -2.09 10.64
C ILE C 72 -36.95 -2.45 9.58
N ILE C 73 -37.41 -1.44 8.85
CA ILE C 73 -38.18 -1.62 7.62
C ILE C 73 -37.16 -1.59 6.48
N LEU C 74 -37.16 -2.63 5.65
CA LEU C 74 -36.17 -2.71 4.55
C LEU C 74 -36.47 -1.73 3.45
N ARG C 75 -35.45 -0.98 3.06
CA ARG C 75 -35.57 0.06 2.04
C ARG C 75 -34.96 -0.42 0.75
N GLN C 76 -34.41 -1.63 0.79
CA GLN C 76 -33.82 -2.23 -0.40
C GLN C 76 -34.13 -3.72 -0.44
N ASP C 77 -34.19 -4.25 -1.66
CA ASP C 77 -34.12 -5.69 -1.86
C ASP C 77 -32.71 -6.11 -1.48
N ILE C 78 -32.60 -7.22 -0.78
CA ILE C 78 -31.29 -7.68 -0.35
C ILE C 78 -31.01 -9.09 -0.88
N ARG C 79 -30.07 -9.18 -1.81
CA ARG C 79 -29.53 -10.47 -2.24
C ARG C 79 -28.32 -10.78 -1.36
N LYS C 80 -27.44 -9.79 -1.22
CA LYS C 80 -26.29 -9.89 -0.33
C LYS C 80 -26.30 -8.65 0.58
N LEU C 81 -25.76 -8.81 1.78
CA LEU C 81 -25.76 -7.72 2.76
C LEU C 81 -24.37 -7.64 3.40
N PHE C 82 -23.94 -6.40 3.63
CA PHE C 82 -22.59 -6.13 4.14
C PHE C 82 -22.66 -5.06 5.23
N LEU C 83 -21.76 -5.16 6.18
CA LEU C 83 -21.64 -4.15 7.22
C LEU C 83 -20.27 -3.54 7.15
N ASP C 84 -20.23 -2.20 7.08
CA ASP C 84 -19.00 -1.45 7.26
C ASP C 84 -19.04 -0.78 8.60
N ILE C 85 -17.91 -0.79 9.30
CA ILE C 85 -17.76 0.04 10.48
C ILE C 85 -16.49 0.83 10.30
N THR C 86 -16.61 2.14 10.43
CA THR C 86 -15.45 3.03 10.30
C THR C 86 -15.22 3.80 11.59
N LEU C 87 -13.99 3.78 12.07
CA LEU C 87 -13.60 4.55 13.25
C LEU C 87 -13.08 5.90 12.79
N MET C 88 -13.68 6.97 13.30
CA MET C 88 -13.35 8.35 12.90
C MET C 88 -12.58 9.06 14.00
N ALA C 89 -11.59 9.85 13.60
CA ALA C 89 -10.83 10.69 14.53
C ALA C 89 -10.51 12.01 13.82
N LYS C 90 -11.07 13.10 14.35
CA LYS C 90 -10.83 14.45 13.81
C LYS C 90 -11.31 14.58 12.35
N GLY C 91 -12.48 14.00 12.08
CA GLY C 91 -13.09 14.02 10.74
C GLY C 91 -12.46 13.11 9.69
N SER C 92 -11.45 12.35 10.09
CA SER C 92 -10.77 11.40 9.18
C SER C 92 -10.99 9.97 9.60
N SER C 93 -11.17 9.05 8.65
CA SER C 93 -11.26 7.65 9.04
C SER C 93 -9.88 7.20 9.41
N ILE C 94 -9.77 6.40 10.46
CA ILE C 94 -8.47 5.85 10.76
C ILE C 94 -8.53 4.34 10.66
N LEU C 95 -9.74 3.80 10.69
CA LEU C 95 -9.92 2.36 10.55
C LEU C 95 -11.20 2.05 9.79
N ASN C 96 -11.07 1.31 8.69
CA ASN C 96 -12.24 0.84 7.93
C ASN C 96 -12.31 -0.67 8.06
N TYR C 97 -13.41 -1.15 8.66
CA TYR C 97 -13.69 -2.57 8.84
C TYR C 97 -14.92 -2.98 8.00
N SER C 98 -14.91 -4.19 7.48
CA SER C 98 -16.09 -4.69 6.79
C SER C 98 -16.33 -6.18 7.07
N TYR C 99 -17.59 -6.58 7.07
CA TYR C 99 -17.95 -7.99 7.25
C TYR C 99 -19.19 -8.31 6.38
N PRO C 100 -19.12 -9.38 5.56
CA PRO C 100 -20.29 -9.79 4.77
C PRO C 100 -21.28 -10.62 5.62
N LEU C 101 -22.55 -10.26 5.56
CA LEU C 101 -23.53 -10.88 6.45
C LEU C 101 -24.25 -12.10 5.85
N CYS C 102 -24.10 -12.30 4.54
CA CYS C 102 -24.78 -13.41 3.88
C CYS C 102 -23.78 -14.23 3.05
N PHE C 109 -31.84 -17.95 10.01
CA PHE C 109 -32.37 -16.64 9.65
C PHE C 109 -31.37 -15.80 8.86
N SER C 110 -31.87 -15.10 7.85
CA SER C 110 -31.03 -14.23 7.04
C SER C 110 -31.78 -12.97 6.63
N PHE C 111 -31.03 -11.90 6.40
CA PHE C 111 -31.60 -10.66 5.86
C PHE C 111 -31.59 -10.69 4.35
N CYS C 112 -30.92 -11.70 3.82
CA CYS C 112 -30.83 -11.87 2.38
C CYS C 112 -31.98 -12.72 1.86
N GLY C 113 -32.40 -12.42 0.64
CA GLY C 113 -33.59 -13.01 0.04
C GLY C 113 -34.81 -12.18 0.32
N ARG C 114 -34.64 -11.13 1.13
CA ARG C 114 -35.76 -10.30 1.54
C ARG C 114 -35.93 -9.11 0.60
N ARG C 115 -37.15 -8.60 0.56
CA ARG C 115 -37.49 -7.53 -0.36
C ARG C 115 -37.80 -6.23 0.36
N LYS C 116 -37.63 -5.14 -0.37
CA LYS C 116 -38.05 -3.81 0.06
C LYS C 116 -39.45 -3.85 0.66
N GLY C 117 -39.62 -3.18 1.80
CA GLY C 117 -40.91 -3.03 2.44
C GLY C 117 -41.14 -3.95 3.63
N GLU C 118 -40.38 -5.04 3.70
CA GLU C 118 -40.50 -5.98 4.82
C GLU C 118 -40.09 -5.32 6.13
N GLN C 119 -40.84 -5.62 7.18
CA GLN C 119 -40.58 -5.10 8.53
C GLN C 119 -40.00 -6.28 9.30
N ILE C 120 -38.74 -6.19 9.71
CA ILE C 120 -38.01 -7.30 10.33
C ILE C 120 -37.62 -6.93 11.76
N TYR C 121 -37.69 -7.92 12.65
CA TYR C 121 -37.22 -7.74 14.01
C TYR C 121 -36.36 -8.95 14.34
N TYR C 122 -35.05 -8.72 14.50
CA TYR C 122 -34.12 -9.79 14.79
C TYR C 122 -33.68 -9.71 16.24
N ALA C 123 -33.96 -10.76 17.03
CA ALA C 123 -33.46 -10.79 18.41
C ALA C 123 -32.60 -12.02 18.53
N GLY C 124 -31.29 -11.84 18.49
CA GLY C 124 -30.41 -13.00 18.40
C GLY C 124 -28.96 -12.64 18.51
N PRO C 125 -28.08 -13.64 18.40
CA PRO C 125 -26.64 -13.36 18.51
C PRO C 125 -26.02 -12.75 17.26
N VAL C 126 -24.92 -12.04 17.45
CA VAL C 126 -24.10 -11.59 16.33
C VAL C 126 -22.74 -12.24 16.48
N ASN C 127 -21.96 -12.24 15.42
CA ASN C 127 -20.73 -13.00 15.36
C ASN C 127 -19.47 -12.28 15.87
N ASN C 128 -19.62 -11.34 16.81
CA ASN C 128 -18.46 -10.53 17.21
C ASN C 128 -17.44 -11.31 18.05
N PRO C 129 -16.14 -10.98 17.89
CA PRO C 129 -15.17 -11.53 18.82
C PRO C 129 -15.21 -10.76 20.15
N GLY C 130 -14.64 -11.36 21.20
CA GLY C 130 -14.44 -10.66 22.46
C GLY C 130 -13.49 -9.48 22.26
N LEU C 131 -13.77 -8.37 22.93
CA LEU C 131 -12.93 -7.18 22.84
C LEU C 131 -12.83 -6.55 24.23
N ASP C 132 -11.76 -5.82 24.46
CA ASP C 132 -11.64 -5.05 25.69
C ASP C 132 -11.41 -3.62 25.23
N VAL C 133 -12.39 -2.76 25.49
CA VAL C 133 -12.38 -1.38 24.98
C VAL C 133 -11.65 -0.47 25.97
N PRO C 134 -10.46 0.05 25.57
CA PRO C 134 -9.74 0.94 26.50
C PRO C 134 -10.54 2.20 26.80
N GLN C 135 -10.29 2.80 27.96
CA GLN C 135 -10.97 4.03 28.36
C GLN C 135 -10.88 5.10 27.27
N GLY C 136 -12.01 5.76 27.01
CA GLY C 136 -12.06 6.81 26.02
C GLY C 136 -13.38 6.88 25.28
N GLU C 137 -13.44 7.79 24.32
CA GLU C 137 -14.62 8.02 23.52
C GLU C 137 -14.28 7.78 22.07
N TYR C 138 -15.16 7.04 21.39
CA TYR C 138 -14.89 6.63 20.01
C TYR C 138 -16.06 7.00 19.13
N GLN C 139 -15.78 7.61 17.98
CA GLN C 139 -16.84 7.93 17.03
C GLN C 139 -16.80 6.92 15.92
N LEU C 140 -17.92 6.24 15.69
CA LEU C 140 -18.00 5.26 14.60
C LEU C 140 -19.07 5.64 13.59
N LEU C 141 -18.83 5.23 12.35
CA LEU C 141 -19.88 5.29 11.36
C LEU C 141 -20.21 3.86 10.96
N LEU C 142 -21.48 3.48 11.08
CA LEU C 142 -21.89 2.12 10.72
C LEU C 142 -22.77 2.18 9.47
N GLU C 143 -22.56 1.24 8.56
CA GLU C 143 -23.40 1.17 7.37
C GLU C 143 -23.73 -0.28 7.02
N LEU C 144 -25.01 -0.55 6.75
CA LEU C 144 -25.44 -1.79 6.14
C LEU C 144 -25.84 -1.48 4.72
N TYR C 145 -25.34 -2.28 3.79
CA TYR C 145 -25.68 -2.09 2.39
C TYR C 145 -25.74 -3.43 1.63
N ASN C 146 -26.41 -3.40 0.47
CA ASN C 146 -26.57 -4.60 -0.34
C ASN C 146 -25.44 -4.76 -1.40
N GLU C 147 -25.64 -5.64 -2.38
CA GLU C 147 -24.63 -5.91 -3.43
C GLU C 147 -24.23 -4.68 -4.27
N ASN C 148 -25.15 -3.72 -4.40
CA ASN C 148 -24.92 -2.49 -5.17
C ASN C 148 -24.46 -1.28 -4.36
N ARG C 149 -24.03 -1.55 -3.13
CA ARG C 149 -23.81 -0.51 -2.13
C ARG C 149 -24.98 0.47 -1.98
N ALA C 150 -26.21 -0.04 -2.12
CA ALA C 150 -27.40 0.74 -1.81
C ALA C 150 -27.65 0.64 -0.30
N THR C 151 -27.98 1.78 0.32
CA THR C 151 -28.05 1.89 1.78
C THR C 151 -29.27 1.15 2.34
N VAL C 152 -29.00 0.26 3.29
CA VAL C 152 -30.04 -0.43 4.07
C VAL C 152 -30.19 0.29 5.43
N ALA C 153 -29.06 0.62 6.05
CA ALA C 153 -29.03 1.39 7.30
C ALA C 153 -27.73 2.18 7.41
N CYS C 154 -27.76 3.30 8.12
CA CYS C 154 -26.60 4.13 8.31
C CYS C 154 -26.75 4.71 9.70
N ALA C 155 -25.68 4.67 10.50
CA ALA C 155 -25.71 5.36 11.78
C ALA C 155 -24.37 5.91 12.20
N ASN C 156 -24.41 7.07 12.83
CA ASN C 156 -23.29 7.59 13.57
C ASN C 156 -23.43 7.10 14.99
N ALA C 157 -22.37 6.51 15.54
CA ALA C 157 -22.38 6.05 16.93
C ALA C 157 -21.27 6.66 17.77
N THR C 158 -21.58 6.93 19.03
CA THR C 158 -20.56 7.28 20.02
C THR C 158 -20.44 6.15 21.04
N VAL C 159 -19.22 5.65 21.20
CA VAL C 159 -18.94 4.57 22.15
C VAL C 159 -18.04 5.17 23.22
N THR C 160 -18.47 5.08 24.47
CA THR C 160 -17.68 5.60 25.58
C THR C 160 -17.34 4.47 26.56
N SER C 161 -16.05 4.29 26.81
CA SER C 161 -15.56 3.32 27.76
C SER C 161 -15.03 4.10 28.96
N SER C 162 -15.55 3.76 30.13
CA SER C 162 -15.18 4.48 31.36
C SER C 162 -14.97 3.54 32.55
N GLY D 26 14.59 -10.49 0.56
CA GLY D 26 14.28 -11.85 1.08
C GLY D 26 14.94 -12.04 2.43
N TRP D 27 14.49 -11.24 3.38
CA TRP D 27 14.97 -11.30 4.75
C TRP D 27 14.39 -12.56 5.39
N PRO D 28 15.10 -13.14 6.37
CA PRO D 28 14.55 -14.32 7.02
C PRO D 28 13.30 -14.01 7.85
N LYS D 29 12.42 -15.00 7.97
CA LYS D 29 11.28 -14.90 8.89
C LYS D 29 11.76 -14.85 10.33
N HIS D 30 11.05 -14.09 11.15
CA HIS D 30 11.31 -14.08 12.59
C HIS D 30 10.02 -14.26 13.34
N THR D 31 10.09 -14.98 14.46
CA THR D 31 8.96 -15.12 15.36
C THR D 31 8.89 -13.94 16.34
N ALA D 32 7.84 -13.14 16.22
CA ALA D 32 7.60 -12.05 17.19
C ALA D 32 7.10 -12.55 18.52
N CYS D 33 6.23 -13.55 18.46
CA CYS D 33 5.83 -14.32 19.64
C CYS D 33 5.16 -15.63 19.26
N ASN D 34 5.10 -16.54 20.24
CA ASN D 34 4.46 -17.82 20.02
C ASN D 34 4.20 -18.42 21.37
N SER D 35 2.99 -18.19 21.86
CA SER D 35 2.56 -18.71 23.16
C SER D 35 1.07 -18.49 23.37
N GLY D 36 0.50 -19.32 24.23
CA GLY D 36 -0.89 -19.13 24.63
C GLY D 36 -1.88 -19.25 23.48
N GLY D 37 -1.51 -20.01 22.46
CA GLY D 37 -2.39 -20.24 21.33
C GLY D 37 -2.31 -19.15 20.26
N LEU D 38 -1.32 -18.27 20.35
CA LEU D 38 -1.09 -17.26 19.29
C LEU D 38 0.34 -17.26 18.82
N GLU D 39 0.52 -17.32 17.50
CA GLU D 39 1.81 -17.21 16.87
C GLU D 39 1.83 -16.04 15.91
N VAL D 40 2.86 -15.23 16.04
CA VAL D 40 3.06 -14.09 15.12
C VAL D 40 4.45 -14.20 14.52
N VAL D 41 4.52 -14.38 13.20
CA VAL D 41 5.76 -14.45 12.44
C VAL D 41 5.76 -13.30 11.44
N TYR D 42 6.89 -12.62 11.29
CA TYR D 42 6.98 -11.53 10.33
C TYR D 42 8.22 -11.67 9.48
N GLN D 43 8.19 -10.96 8.36
CA GLN D 43 9.34 -10.79 7.50
C GLN D 43 9.41 -9.33 7.12
N SER D 44 10.60 -8.76 7.14
CA SER D 44 10.77 -7.40 6.65
C SER D 44 10.56 -7.33 5.14
N CYS D 45 9.72 -6.38 4.71
CA CYS D 45 9.54 -6.06 3.29
C CYS D 45 10.24 -4.77 2.89
N ASP D 46 11.22 -4.31 3.67
CA ASP D 46 12.09 -3.24 3.22
C ASP D 46 13.29 -3.92 2.54
N PRO D 47 13.49 -3.67 1.23
CA PRO D 47 14.66 -4.28 0.58
C PRO D 47 16.00 -3.87 1.21
N LEU D 48 16.06 -2.68 1.84
CA LEU D 48 17.32 -2.22 2.49
C LEU D 48 17.75 -3.05 3.69
N GLN D 49 16.81 -3.58 4.47
CA GLN D 49 17.20 -4.09 5.79
C GLN D 49 16.13 -4.88 6.50
N ASP D 50 16.59 -5.69 7.44
CA ASP D 50 15.74 -6.41 8.36
C ASP D 50 15.58 -5.55 9.63
N PHE D 51 14.75 -5.99 10.56
CA PHE D 51 14.62 -5.30 11.85
C PHE D 51 14.14 -6.27 12.91
N GLY D 52 14.21 -5.83 14.17
CA GLY D 52 13.80 -6.68 15.28
C GLY D 52 12.46 -6.29 15.86
N LEU D 53 11.60 -7.29 16.08
CA LEU D 53 10.30 -7.09 16.69
C LEU D 53 9.96 -8.26 17.55
N SER D 54 9.60 -7.95 18.80
CA SER D 54 9.16 -8.95 19.74
C SER D 54 7.91 -8.44 20.47
N ILE D 55 6.99 -9.37 20.75
CA ILE D 55 5.77 -9.07 21.50
C ILE D 55 5.75 -9.88 22.78
N ASP D 56 5.50 -9.21 23.91
CA ASP D 56 5.47 -9.87 25.22
C ASP D 56 4.08 -10.41 25.54
N GLN D 57 4.06 -11.58 26.17
CA GLN D 57 2.83 -12.17 26.73
C GLN D 57 1.75 -12.43 25.69
N CYS D 58 2.16 -12.89 24.51
CA CYS D 58 1.19 -13.28 23.50
C CYS D 58 0.28 -14.36 24.00
N SER D 59 -0.96 -14.27 23.50
CA SER D 59 -2.00 -15.24 23.82
CA SER D 59 -1.96 -15.30 23.74
C SER D 59 -3.13 -15.10 22.79
N LYS D 60 -3.91 -16.16 22.61
CA LYS D 60 -5.16 -16.15 21.80
C LYS D 60 -6.07 -15.00 22.24
N GLN D 61 -6.16 -14.78 23.55
CA GLN D 61 -6.78 -13.55 24.08
C GLN D 61 -5.73 -12.49 24.19
N ILE D 62 -5.68 -11.58 23.21
CA ILE D 62 -4.75 -10.48 23.24
C ILE D 62 -5.19 -9.42 24.25
N GLN D 63 -4.31 -9.07 25.18
CA GLN D 63 -4.70 -8.09 26.18
C GLN D 63 -4.54 -6.70 25.60
N SER D 64 -5.32 -5.75 26.12
CA SER D 64 -5.14 -4.33 25.80
C SER D 64 -3.70 -3.92 26.09
N ASN D 65 -3.20 -3.00 25.26
CA ASN D 65 -1.92 -2.32 25.45
C ASN D 65 -0.76 -3.28 25.58
N LEU D 66 -0.60 -4.11 24.55
CA LEU D 66 0.50 -5.09 24.50
C LEU D 66 1.81 -4.35 24.62
N ASN D 67 2.76 -4.94 25.34
CA ASN D 67 4.15 -4.48 25.32
C ASN D 67 4.95 -5.13 24.19
N ILE D 68 5.69 -4.31 23.47
CA ILE D 68 6.57 -4.81 22.40
C ILE D 68 7.99 -4.33 22.57
N ARG D 69 8.89 -4.96 21.82
CA ARG D 69 10.26 -4.50 21.72
C ARG D 69 10.58 -4.39 20.24
N PHE D 70 11.11 -3.23 19.84
CA PHE D 70 11.25 -2.89 18.41
C PHE D 70 12.63 -2.28 18.22
N GLY D 71 13.42 -2.86 17.30
CA GLY D 71 14.77 -2.36 17.06
C GLY D 71 15.02 -2.15 15.58
N ILE D 72 15.59 -1.01 15.21
CA ILE D 72 15.84 -0.76 13.79
C ILE D 72 16.91 0.33 13.62
N ILE D 73 17.61 0.28 12.49
CA ILE D 73 18.49 1.38 12.10
C ILE D 73 17.72 2.26 11.12
N LEU D 74 17.57 3.55 11.41
CA LEU D 74 16.81 4.45 10.49
C LEU D 74 17.55 4.71 9.20
N ARG D 75 16.87 4.53 8.07
CA ARG D 75 17.45 4.80 6.74
C ARG D 75 16.86 6.05 6.07
N GLN D 76 15.91 6.67 6.77
CA GLN D 76 15.27 7.89 6.31
C GLN D 76 15.19 8.84 7.52
N ASP D 77 15.28 10.14 7.27
CA ASP D 77 15.01 11.16 8.29
C ASP D 77 13.49 11.16 8.54
N ILE D 78 13.07 11.45 9.77
CA ILE D 78 11.64 11.48 10.08
C ILE D 78 11.27 12.82 10.67
N ARG D 79 10.38 13.54 10.00
CA ARG D 79 9.74 14.72 10.61
C ARG D 79 8.36 14.38 11.10
N LYS D 80 7.61 13.62 10.30
CA LYS D 80 6.33 13.04 10.70
C LYS D 80 6.35 11.56 10.40
N LEU D 81 5.57 10.79 11.15
CA LEU D 81 5.56 9.33 11.06
C LEU D 81 4.13 8.81 11.07
N PHE D 82 3.87 7.84 10.20
CA PHE D 82 2.55 7.26 9.98
C PHE D 82 2.63 5.76 10.02
N LEU D 83 1.59 5.14 10.55
CA LEU D 83 1.55 3.67 10.63
C LEU D 83 0.29 3.19 9.90
N ASP D 84 0.47 2.37 8.86
CA ASP D 84 -0.68 1.77 8.16
C ASP D 84 -0.68 0.30 8.42
N ILE D 85 -1.86 -0.24 8.66
CA ILE D 85 -2.01 -1.67 8.87
C ILE D 85 -3.11 -2.23 7.98
N THR D 86 -2.80 -3.36 7.34
CA THR D 86 -3.73 -4.07 6.50
C THR D 86 -3.95 -5.45 7.11
N LEU D 87 -5.20 -5.84 7.32
CA LEU D 87 -5.50 -7.14 7.91
C LEU D 87 -6.39 -7.90 6.95
N MET D 88 -5.98 -9.12 6.62
CA MET D 88 -6.71 -10.01 5.72
C MET D 88 -6.87 -11.41 6.35
N ALA D 89 -7.84 -12.16 5.85
CA ALA D 89 -7.98 -13.58 6.20
C ALA D 89 -8.65 -14.24 5.01
N LYS D 90 -8.09 -15.37 4.57
CA LYS D 90 -8.68 -16.20 3.51
C LYS D 90 -8.91 -15.43 2.21
N GLY D 91 -7.96 -14.57 1.87
CA GLY D 91 -8.03 -13.79 0.64
C GLY D 91 -8.95 -12.59 0.69
N SER D 92 -9.61 -12.39 1.83
CA SER D 92 -10.55 -11.27 1.98
C SER D 92 -10.05 -10.19 2.93
N SER D 93 -10.39 -8.94 2.61
CA SER D 93 -10.04 -7.80 3.47
C SER D 93 -10.89 -7.74 4.73
N ILE D 94 -10.23 -7.68 5.89
CA ILE D 94 -10.94 -7.40 7.13
C ILE D 94 -10.95 -5.92 7.46
N LEU D 95 -9.76 -5.29 7.47
CA LEU D 95 -9.70 -3.89 7.81
C LEU D 95 -8.46 -3.19 7.25
N ASN D 96 -8.59 -1.91 6.99
CA ASN D 96 -7.46 -1.04 6.70
C ASN D 96 -7.39 0.01 7.79
N TYR D 97 -6.17 0.35 8.20
CA TYR D 97 -5.92 1.27 9.30
C TYR D 97 -4.79 2.22 8.92
N SER D 98 -4.92 3.49 9.29
CA SER D 98 -3.88 4.49 9.05
C SER D 98 -3.88 5.47 10.21
N TYR D 99 -2.74 5.66 10.83
CA TYR D 99 -2.71 6.55 11.98
C TYR D 99 -1.41 7.35 12.06
N PRO D 100 -1.53 8.68 12.27
CA PRO D 100 -0.37 9.54 12.41
C PRO D 100 0.20 9.48 13.81
N LEU D 101 1.50 9.19 13.91
CA LEU D 101 2.13 8.94 15.21
C LEU D 101 2.78 10.14 15.90
N CYS D 102 3.01 11.22 15.14
CA CYS D 102 3.72 12.43 15.63
C CYS D 102 3.95 13.38 14.48
N PHE D 109 10.82 15.84 22.35
CA PHE D 109 11.85 14.86 21.99
C PHE D 109 11.23 13.45 21.88
N SER D 110 11.12 12.96 20.64
CA SER D 110 10.34 11.75 20.31
C SER D 110 10.85 11.02 19.05
N PHE D 111 10.05 10.07 18.55
CA PHE D 111 10.30 9.37 17.27
C PHE D 111 10.42 10.33 16.10
N CYS D 112 9.57 11.34 16.08
CA CYS D 112 9.66 12.38 15.10
C CYS D 112 10.84 13.28 15.41
N GLY D 113 11.50 13.76 14.35
CA GLY D 113 12.75 14.50 14.50
C GLY D 113 13.96 13.58 14.46
N ARG D 114 13.71 12.30 14.22
CA ARG D 114 14.76 11.29 14.13
C ARG D 114 15.54 11.43 12.81
N ARG D 115 16.81 11.06 12.84
CA ARG D 115 17.68 11.24 11.67
C ARG D 115 18.22 9.93 11.08
N LYS D 116 18.49 9.94 9.78
CA LYS D 116 19.21 8.83 9.13
C LYS D 116 20.38 8.33 9.97
N GLY D 117 20.49 7.02 10.09
CA GLY D 117 21.64 6.40 10.77
C GLY D 117 21.42 6.11 12.25
N GLU D 118 20.40 6.73 12.83
CA GLU D 118 20.08 6.49 14.24
C GLU D 118 19.62 5.07 14.50
N GLN D 119 20.18 4.49 15.55
CA GLN D 119 19.78 3.16 16.02
C GLN D 119 18.68 3.36 17.05
N ILE D 120 17.49 2.82 16.73
CA ILE D 120 16.28 3.02 17.50
C ILE D 120 16.01 1.77 18.28
N TYR D 121 15.72 1.92 19.58
CA TYR D 121 15.22 0.80 20.36
C TYR D 121 14.03 1.26 21.17
N TYR D 122 12.90 0.60 20.94
CA TYR D 122 11.65 0.92 21.61
C TYR D 122 11.19 -0.29 22.39
N ALA D 123 10.97 -0.08 23.69
CA ALA D 123 10.35 -1.12 24.50
C ALA D 123 9.23 -0.48 25.27
N GLY D 124 8.00 -0.91 25.00
CA GLY D 124 6.84 -0.30 25.64
C GLY D 124 5.53 -0.67 24.98
N PRO D 125 4.43 -0.05 25.43
CA PRO D 125 3.11 -0.46 24.99
C PRO D 125 2.76 0.09 23.62
N VAL D 126 1.81 -0.58 22.97
CA VAL D 126 1.19 -0.04 21.78
C VAL D 126 -0.25 0.20 22.20
N ASN D 127 -1.00 0.96 21.45
CA ASN D 127 -2.32 1.28 21.98
C ASN D 127 -3.40 0.45 21.30
N ASN D 128 -3.31 -0.86 21.50
CA ASN D 128 -4.30 -1.80 20.97
C ASN D 128 -5.41 -2.06 21.98
N PRO D 129 -6.64 -2.29 21.47
CA PRO D 129 -7.66 -2.88 22.33
C PRO D 129 -7.38 -4.37 22.51
N GLY D 130 -7.92 -4.94 23.59
CA GLY D 130 -7.89 -6.37 23.81
C GLY D 130 -8.79 -7.04 22.79
N LEU D 131 -8.41 -8.25 22.38
CA LEU D 131 -9.14 -8.95 21.33
C LEU D 131 -8.96 -10.44 21.55
N ASP D 132 -10.08 -11.17 21.57
CA ASP D 132 -10.07 -12.63 21.53
C ASP D 132 -9.99 -13.04 20.09
N VAL D 133 -8.81 -13.47 19.66
CA VAL D 133 -8.57 -13.78 18.27
C VAL D 133 -9.18 -15.13 17.92
N PRO D 134 -10.21 -15.15 17.03
CA PRO D 134 -10.82 -16.41 16.66
C PRO D 134 -9.84 -17.34 15.96
N GLN D 135 -9.98 -18.65 16.21
CA GLN D 135 -9.15 -19.67 15.59
C GLN D 135 -9.03 -19.49 14.07
N GLY D 136 -7.79 -19.58 13.58
CA GLY D 136 -7.49 -19.43 12.17
C GLY D 136 -6.23 -18.64 11.89
N GLU D 137 -6.01 -18.36 10.62
CA GLU D 137 -4.82 -17.71 10.14
C GLU D 137 -5.16 -16.35 9.55
N TYR D 138 -4.32 -15.36 9.83
CA TYR D 138 -4.53 -14.00 9.32
C TYR D 138 -3.23 -13.48 8.72
N GLN D 139 -3.36 -12.58 7.75
CA GLN D 139 -2.21 -11.93 7.14
C GLN D 139 -2.26 -10.47 7.52
N LEU D 140 -1.12 -9.92 7.92
CA LEU D 140 -1.04 -8.56 8.46
C LEU D 140 0.10 -7.86 7.76
N LEU D 141 -0.16 -6.68 7.21
CA LEU D 141 0.92 -5.85 6.64
C LEU D 141 1.00 -4.59 7.48
N LEU D 142 2.19 -4.28 7.95
CA LEU D 142 2.46 -3.10 8.76
C LEU D 142 3.45 -2.23 7.99
N GLU D 143 3.09 -0.97 7.81
CA GLU D 143 3.94 -0.06 7.02
C GLU D 143 4.17 1.19 7.85
N LEU D 144 5.44 1.50 8.14
CA LEU D 144 5.74 2.75 8.82
C LEU D 144 6.40 3.67 7.80
N TYR D 145 5.90 4.90 7.67
CA TYR D 145 6.47 5.80 6.67
C TYR D 145 6.49 7.25 7.11
N ASN D 146 7.28 8.06 6.42
CA ASN D 146 7.45 9.45 6.85
C ASN D 146 6.62 10.45 6.04
N GLU D 147 6.95 11.73 6.22
CA GLU D 147 6.17 12.84 5.66
C GLU D 147 6.32 12.91 4.13
N ASN D 148 7.32 12.22 3.62
CA ASN D 148 7.57 12.16 2.16
C ASN D 148 7.10 10.86 1.56
N ARG D 149 6.31 10.12 2.33
CA ARG D 149 5.81 8.79 1.95
C ARG D 149 6.92 7.75 1.74
N ALA D 150 8.05 7.94 2.40
CA ALA D 150 9.18 7.02 2.27
C ALA D 150 9.02 5.97 3.32
N THR D 151 9.17 4.73 2.90
CA THR D 151 9.10 3.61 3.84
C THR D 151 10.28 3.62 4.84
N VAL D 152 9.93 3.62 6.11
CA VAL D 152 10.85 3.55 7.25
C VAL D 152 10.96 2.09 7.72
N ALA D 153 9.82 1.38 7.78
CA ALA D 153 9.82 -0.07 8.05
C ALA D 153 8.61 -0.66 7.37
N CYS D 154 8.72 -1.91 6.97
CA CYS D 154 7.65 -2.63 6.31
C CYS D 154 7.74 -4.05 6.84
N ALA D 155 6.64 -4.61 7.31
CA ALA D 155 6.65 -6.04 7.70
C ALA D 155 5.43 -6.76 7.23
N ASN D 156 5.58 -7.91 6.59
CA ASN D 156 4.40 -8.73 6.41
C ASN D 156 4.43 -9.89 7.35
N ALA D 157 3.28 -10.15 7.94
CA ALA D 157 3.19 -11.07 9.06
C ALA D 157 2.07 -12.06 8.88
N THR D 158 2.23 -13.20 9.51
CA THR D 158 1.16 -14.19 9.61
C THR D 158 0.87 -14.40 11.06
N VAL D 159 -0.42 -14.37 11.37
CA VAL D 159 -0.88 -14.51 12.72
C VAL D 159 -1.73 -15.75 12.76
N THR D 160 -1.38 -16.67 13.64
CA THR D 160 -2.09 -17.92 13.76
C THR D 160 -2.68 -18.08 15.14
N SER D 161 -4.01 -18.24 15.20
CA SER D 161 -4.69 -18.50 16.46
C SER D 161 -5.16 -19.96 16.49
N SER D 162 -4.78 -20.68 17.54
CA SER D 162 -4.99 -22.12 17.63
C SER D 162 -5.39 -22.57 19.04
C1 NAG E . -7.69 -7.37 -8.40
C2 NAG E . -7.75 -8.26 -9.64
C3 NAG E . -8.58 -9.52 -9.38
C4 NAG E . -8.21 -10.20 -8.06
C5 NAG E . -8.21 -9.18 -6.93
C6 NAG E . -7.85 -9.78 -5.57
C7 NAG E . -7.47 -7.26 -11.87
C8 NAG E . -8.10 -6.53 -13.01
N2 NAG E . -8.24 -7.54 -10.81
O3 NAG E . -8.41 -10.46 -10.42
O4 NAG E . -9.14 -11.24 -7.80
O5 NAG E . -7.31 -8.15 -7.27
O6 NAG E . -6.46 -9.82 -5.38
O7 NAG E . -6.27 -7.58 -11.97
C1 NAG F . 8.25 -2.73 -3.25
C2 NAG F . 9.61 -3.44 -3.14
C3 NAG F . 9.43 -4.86 -2.58
C4 NAG F . 8.65 -4.81 -1.27
C5 NAG F . 7.38 -3.99 -1.46
C6 NAG F . 6.69 -3.84 -0.11
C7 NAG F . 11.31 -2.83 -4.78
C8 NAG F . 11.78 -3.09 -6.18
N2 NAG F . 10.22 -3.52 -4.46
O3 NAG F . 10.71 -5.43 -2.39
O4 NAG F . 8.32 -6.12 -0.88
O5 NAG F . 7.70 -2.72 -1.94
O6 NAG F . 5.57 -3.01 -0.30
O7 NAG F . 11.94 -1.99 -4.09
N L9R G . 8.97 9.89 -14.66
P L9R G . 6.23 5.66 -14.22
C1 L9R G . 3.74 6.59 -14.22
C2 L9R G . 2.80 7.33 -15.16
O2 L9R G . 1.44 7.08 -14.78
C3 L9R G . 3.12 8.83 -15.09
O3 L9R G . 2.55 9.42 -13.93
C4 L9R G . 7.19 8.08 -14.82
C5 L9R G . 8.68 8.44 -14.73
C6 L9R G . 10.42 10.07 -14.63
C7 L9R G . 8.41 10.49 -13.44
C8 L9R G . 8.46 10.61 -15.84
C11 L9R G . 2.37 10.87 -13.86
O11 L9R G . 3.18 11.56 -13.25
C12 L9R G . 1.18 11.50 -14.57
C13 L9R G . 0.75 12.81 -13.91
C14 L9R G . 0.99 13.99 -14.85
C15 L9R G . 0.72 15.31 -14.13
C16 L9R G . -0.57 16.01 -14.58
C17 L9R G . -1.63 15.09 -15.19
C18 L9R G . -2.63 14.57 -14.17
C19 L9R G . -3.03 13.14 -14.51
O1P L9R G . 7.15 5.01 -15.24
C20 L9R G . -4.11 12.62 -13.58
C21 L9R G . -3.66 11.31 -12.94
C22 L9R G . -4.84 10.34 -12.74
C23 L9R G . -4.32 8.92 -12.63
C24 L9R G . -5.36 7.91 -13.13
C25 L9R G . -5.15 6.53 -12.50
C26 L9R G . -6.01 6.40 -11.24
C27 L9R G . -6.05 4.96 -10.76
C28 L9R G . -6.30 4.90 -9.27
O2P L9R G . 5.92 4.90 -12.95
C31 L9R G . 0.72 6.14 -15.64
O31 L9R G . 1.31 5.16 -16.11
C32 L9R G . -0.74 6.38 -15.96
C33 L9R G . -1.64 5.37 -15.25
C34 L9R G . -2.33 4.46 -16.24
C35 L9R G . -2.12 2.99 -15.88
C36 L9R G . -2.03 2.10 -17.12
C37 L9R G . -0.58 1.89 -17.59
C38 L9R G . -0.45 0.65 -18.46
C39 L9R G . 1.00 0.39 -18.89
O3P L9R G . 4.84 6.04 -14.95
C40 L9R G . 1.74 -0.49 -17.88
C41 L9R G . 2.94 -1.20 -18.52
C42 L9R G . 3.90 -1.69 -17.45
C43 L9R G . 4.77 -2.84 -17.95
C44 L9R G . 6.17 -2.78 -17.34
C45 L9R G . 7.21 -3.53 -18.18
C46 L9R G . 8.58 -3.61 -17.51
C47 L9R G . 9.27 -4.92 -17.89
C48 L9R G . 10.55 -5.18 -17.14
O4P L9R G . 6.86 7.09 -13.84
C1 BEN H . 5.29 3.04 -1.90
C2 BEN H . 5.28 1.75 -1.37
C3 BEN H . 4.87 0.63 -2.12
C4 BEN H . 4.44 0.85 -3.43
C5 BEN H . 4.44 2.14 -3.96
C6 BEN H . 4.86 3.25 -3.21
C BEN H . 5.71 4.16 -1.11
N1 BEN H . 5.07 5.32 -1.17
N2 BEN H . 6.75 4.09 -0.30
C1 BEN I . 2.58 3.35 0.60
C2 BEN I . 2.11 4.67 0.65
C3 BEN I . 2.76 5.62 1.45
C4 BEN I . 3.89 5.23 2.17
C5 BEN I . 4.35 3.93 2.13
C6 BEN I . 3.69 2.97 1.35
C BEN I . 1.91 2.41 -0.22
N1 BEN I . 1.41 2.76 -1.38
N2 BEN I . 1.79 1.15 0.17
C1 BEN J . -1.61 3.65 1.54
C2 BEN J . -2.73 3.96 0.76
C3 BEN J . -3.13 5.29 0.61
C4 BEN J . -2.39 6.31 1.22
C5 BEN J . -1.27 6.01 1.98
C6 BEN J . -0.89 4.68 2.15
C BEN J . -1.22 2.30 1.74
N1 BEN J . -0.72 1.91 2.89
N2 BEN J . -1.43 1.33 0.85
C1 BEN K . 1.68 13.32 3.66
C2 BEN K . 0.73 12.94 2.72
C3 BEN K . 0.56 11.60 2.40
C4 BEN K . 1.36 10.64 3.04
C5 BEN K . 2.32 11.01 4.00
C6 BEN K . 2.49 12.36 4.30
C BEN K . 1.86 14.68 3.98
N1 BEN K . 0.87 15.56 3.80
N2 BEN K . 3.00 15.14 4.45
C1 BEN L . -15.55 7.32 -18.07
C2 BEN L . -14.39 8.09 -18.08
C3 BEN L . -13.25 7.62 -18.73
C4 BEN L . -13.27 6.40 -19.38
C5 BEN L . -14.43 5.61 -19.38
C6 BEN L . -15.56 6.08 -18.72
C BEN L . -16.68 7.79 -17.42
N1 BEN L . -16.57 8.74 -16.52
N2 BEN L . -17.88 7.29 -17.68
C1 NAG M . 24.12 9.29 -4.65
C2 NAG M . 23.25 10.48 -4.27
C3 NAG M . 24.06 11.60 -3.59
C4 NAG M . 24.94 11.03 -2.48
C5 NAG M . 25.82 9.90 -3.03
C6 NAG M . 26.70 9.29 -1.93
C7 NAG M . 21.26 11.36 -5.52
C8 NAG M . 20.39 11.22 -4.30
N2 NAG M . 22.56 11.01 -5.45
O3 NAG M . 23.20 12.58 -3.06
O4 NAG M . 25.73 12.07 -1.94
O5 NAG M . 25.00 8.89 -3.61
O6 NAG M . 27.99 9.02 -2.45
O7 NAG M . 20.77 11.80 -6.56
C1 NAG N . 12.51 3.12 -2.09
C2 NAG N . 11.11 3.61 -1.64
C3 NAG N . 11.27 4.45 -0.38
C4 NAG N . 11.97 3.61 0.68
C5 NAG N . 13.30 3.06 0.14
C6 NAG N . 13.95 2.11 1.12
C7 NAG N . 9.39 3.91 -3.31
C8 NAG N . 8.83 4.76 -4.42
N2 NAG N . 10.48 4.39 -2.68
O3 NAG N . 9.98 4.85 0.05
O4 NAG N . 12.23 4.44 1.79
O5 NAG N . 13.07 2.31 -1.06
O6 NAG N . 13.07 1.03 1.44
O7 NAG N . 8.86 2.84 -3.05
C1 BEN O . 16.90 -8.81 -2.18
C2 BEN O . 16.74 -7.64 -1.43
C3 BEN O . 17.35 -7.55 -0.18
C4 BEN O . 18.12 -8.60 0.32
C5 BEN O . 18.28 -9.77 -0.44
C6 BEN O . 17.67 -9.87 -1.69
C BEN O . 16.28 -8.93 -3.44
N1 BEN O . 15.61 -10.03 -3.74
N2 BEN O . 16.35 -7.97 -4.34
C1 BEN P . 17.02 2.58 -2.21
C2 BEN P . 18.38 2.80 -1.88
C3 BEN P . 18.84 4.05 -1.50
C4 BEN P . 17.95 5.12 -1.44
C5 BEN P . 16.59 4.92 -1.73
C6 BEN P . 16.13 3.66 -2.12
C BEN P . 16.59 1.29 -2.57
N1 BEN P . 17.39 0.48 -3.25
N2 BEN P . 15.38 0.80 -2.23
C1 BEN Q . 38.32 -1.50 -13.62
C2 BEN Q . 38.74 -0.90 -12.41
C3 BEN Q . 38.78 0.50 -12.31
C4 BEN Q . 38.44 1.30 -13.40
C5 BEN Q . 38.04 0.71 -14.60
C6 BEN Q . 37.98 -0.69 -14.71
C BEN Q . 38.27 -2.91 -13.75
N1 BEN Q . 38.35 -3.72 -12.71
N2 BEN Q . 38.17 -3.46 -14.95
C1 NAG R . -22.52 12.13 11.40
C2 NAG R . -21.77 13.05 12.38
C3 NAG R . -20.93 14.12 11.66
C4 NAG R . -20.27 13.64 10.36
C5 NAG R . -21.15 12.66 9.57
C6 NAG R . -20.41 12.05 8.37
C7 NAG R . -22.36 14.16 14.52
C8 NAG R . -23.46 14.74 15.35
N2 NAG R . -22.71 13.66 13.33
O3 NAG R . -19.93 14.60 12.54
O4 NAG R . -19.99 14.78 9.56
O5 NAG R . -21.61 11.64 10.43
O6 NAG R . -19.62 10.95 8.76
O7 NAG R . -21.20 14.17 14.96
C1 NAG S . -11.54 4.35 4.50
C2 NAG S . -10.06 4.66 4.23
C3 NAG S . -9.95 6.02 3.52
C4 NAG S . -10.80 6.03 2.25
C5 NAG S . -12.22 5.56 2.57
C6 NAG S . -13.02 5.34 1.31
C7 NAG S . -8.38 3.76 5.74
C8 NAG S . -7.69 3.88 7.08
N2 NAG S . -9.32 4.68 5.46
O3 NAG S . -8.59 6.27 3.19
O4 NAG S . -10.80 7.36 1.71
O5 NAG S . -12.22 4.32 3.28
O6 NAG S . -12.33 4.48 0.42
O7 NAG S . -8.07 2.86 4.93
C1 BEN T . -18.77 -4.70 -0.87
C2 BEN T . -19.81 -5.06 -1.73
C3 BEN T . -20.26 -4.18 -2.71
C4 BEN T . -19.67 -2.92 -2.83
C5 BEN T . -18.62 -2.57 -1.98
C6 BEN T . -18.17 -3.45 -0.99
C BEN T . -18.34 -5.63 0.09
N1 BEN T . -18.19 -5.27 1.36
N2 BEN T . -18.05 -6.88 -0.26
C1 BEN U . -38.04 0.97 14.15
C2 BEN U . -37.43 0.99 15.41
C3 BEN U . -37.03 2.19 15.99
C4 BEN U . -37.25 3.38 15.32
C5 BEN U . -37.86 3.38 14.06
C6 BEN U . -38.26 2.17 13.47
C BEN U . -38.44 -0.26 13.58
N1 BEN U . -38.67 -1.31 14.34
N2 BEN U . -38.59 -0.42 12.26
C1 BEN V . -15.99 4.87 4.71
C2 BEN V . -17.18 5.60 4.56
C3 BEN V . -17.21 6.96 4.88
C4 BEN V . -16.05 7.61 5.33
C5 BEN V . -14.86 6.89 5.45
C6 BEN V . -14.83 5.54 5.15
C BEN V . -15.93 3.51 4.37
N1 BEN V . -17.00 2.76 4.46
N2 BEN V . -14.80 2.94 3.91
C1 NAG W . 5.41 -12.18 3.22
C2 NAG W . 5.19 -13.57 3.84
C3 NAG W . 5.68 -14.70 2.91
C4 NAG W . 5.12 -14.52 1.50
C5 NAG W . 5.48 -13.12 0.99
C6 NAG W . 4.89 -12.85 -0.40
C7 NAG W . 5.08 -13.86 6.27
C8 NAG W . 5.85 -14.03 7.54
N2 NAG W . 5.79 -13.72 5.15
O3 NAG W . 5.32 -15.96 3.42
O4 NAG W . 5.64 -15.52 0.64
O5 NAG W . 4.95 -12.15 1.87
O6 NAG W . 3.49 -13.07 -0.37
O7 NAG W . 3.85 -13.85 6.32
C1 NAG X . -8.76 -2.08 2.20
C2 NAG X . -10.27 -2.31 1.90
C3 NAG X . -10.42 -3.22 0.70
C4 NAG X . -9.60 -2.73 -0.51
C5 NAG X . -8.18 -2.40 -0.06
C6 NAG X . -7.38 -1.73 -1.17
C7 NAG X . -11.88 -2.31 3.75
C8 NAG X . -12.48 -3.11 4.89
N2 NAG X . -10.93 -2.94 3.04
O3 NAG X . -11.79 -3.36 0.33
O4 NAG X . -9.59 -3.76 -1.50
O5 NAG X . -8.16 -1.52 1.05
O6 NAG X . -6.07 -1.52 -0.66
O7 NAG X . -12.28 -1.15 3.54
N L9R Y . -6.57 3.58 18.26
P L9R Y . -5.55 -1.04 16.32
C1 L9R Y . -2.91 -1.29 16.14
C2 L9R Y . -1.61 -1.02 16.91
O2 L9R Y . -0.56 -1.88 16.45
C3 L9R Y . -1.21 0.45 16.68
O3 L9R Y . -0.65 1.06 17.84
C4 L9R Y . -6.07 1.14 17.78
C5 L9R Y . -7.12 2.23 17.98
C6 L9R Y . -7.69 4.48 18.55
C7 L9R Y . -5.84 4.10 17.10
C8 L9R Y . -5.67 3.59 19.42
C11 L9R Y . -0.39 2.49 17.89
O11 L9R Y . -1.18 3.27 17.38
C12 L9R Y . 0.85 3.02 18.59
C13 L9R Y . 0.50 4.16 19.54
C14 L9R Y . 1.51 4.27 20.69
C15 L9R Y . 2.29 5.58 20.64
C16 L9R Y . 3.67 5.51 21.29
C17 L9R Y . 4.49 4.27 20.90
C18 L9R Y . 4.99 4.26 19.46
C19 L9R Y . 4.54 2.98 18.75
O1P L9R Y . -6.03 -2.13 17.24
C20 L9R Y . 5.71 2.20 18.18
C21 L9R Y . 5.47 1.81 16.72
C22 L9R Y . 5.68 0.31 16.50
C23 L9R Y . 4.51 -0.29 15.72
C24 L9R Y . 4.63 -1.80 15.46
C25 L9R Y . 5.81 -2.19 14.57
C26 L9R Y . 5.79 -1.53 13.20
C27 L9R Y . 6.99 -1.94 12.35
C28 L9R Y . 6.63 -1.98 10.87
O2P L9R Y . -5.62 -1.28 14.83
C31 L9R Y . -0.56 -3.26 16.94
O31 L9R Y . -1.51 -3.69 17.58
C32 L9R Y . 0.63 -4.17 16.64
C33 L9R Y . 0.17 -5.51 16.03
C34 L9R Y . 0.60 -6.72 16.88
C35 L9R Y . 0.12 -8.03 16.26
C36 L9R Y . -0.98 -8.68 17.08
C37 L9R Y . -1.74 -9.75 16.27
C38 L9R Y . -3.22 -9.45 16.14
C39 L9R Y . -3.79 -9.97 14.82
O3P L9R Y . -4.04 -0.66 16.74
C40 L9R Y . -5.28 -9.66 14.68
C41 L9R Y . -6.09 -10.91 14.39
C42 L9R Y . -7.37 -10.60 13.62
C43 L9R Y . -8.64 -11.00 14.35
C44 L9R Y . -9.80 -11.22 13.38
C45 L9R Y . -10.99 -10.28 13.63
C46 L9R Y . -12.33 -10.95 13.37
C47 L9R Y . -12.65 -11.11 11.88
C48 L9R Y . -13.99 -10.52 11.52
O4P L9R Y . -6.40 0.30 16.67
C1 BEN Z . -4.50 2.75 3.81
C2 BEN Z . -4.10 2.14 5.02
C3 BEN Z . -4.00 0.74 5.07
C4 BEN Z . -4.29 -0.03 3.95
C5 BEN Z . -4.67 0.58 2.75
C6 BEN Z . -4.77 1.97 2.69
C BEN Z . -4.60 4.15 3.67
N1 BEN Z . -5.61 4.64 2.94
N2 BEN Z . -3.70 4.96 4.23
C1 BEN AA . 14.25 -16.50 14.82
C2 BEN AA . 14.71 -17.83 14.69
C3 BEN AA . 13.88 -18.89 15.03
C4 BEN AA . 12.59 -18.64 15.51
C5 BEN AA . 12.15 -17.32 15.64
C6 BEN AA . 12.97 -16.25 15.30
C BEN AA . 15.09 -15.45 14.47
N1 BEN AA . 15.99 -15.59 13.51
N2 BEN AA . 15.04 -14.28 15.10
C1 BEN BA . -11.69 -9.72 26.88
C2 BEN BA . -10.68 -9.48 27.82
C3 BEN BA . -9.39 -9.18 27.37
C4 BEN BA . -9.10 -9.12 26.01
C5 BEN BA . -10.11 -9.36 25.08
C6 BEN BA . -11.40 -9.66 25.52
C BEN BA . -13.00 -10.01 27.31
N1 BEN BA . -13.23 -10.73 28.40
N2 BEN BA . -14.05 -9.59 26.63
C1 BEN CA . -0.07 -7.84 1.78
C2 BEN CA . -1.39 -7.48 2.10
C3 BEN CA . -1.95 -7.91 3.31
C4 BEN CA . -1.20 -8.69 4.20
C5 BEN CA . 0.13 -9.04 3.88
C6 BEN CA . 0.68 -8.61 2.67
C BEN CA . 0.50 -7.40 0.57
N1 BEN CA . -0.18 -6.66 -0.29
N2 BEN CA . 1.74 -7.71 0.26
C1 BEN DA . 15.58 -7.55 18.25
C2 BEN DA . 14.48 -8.35 18.56
C3 BEN DA . 13.42 -7.81 19.29
C4 BEN DA . 13.47 -6.48 19.71
C5 BEN DA . 14.57 -5.69 19.40
C6 BEN DA . 15.63 -6.22 18.67
C BEN DA . 16.65 -8.08 17.49
N1 BEN DA . 17.08 -7.46 16.40
N2 BEN DA . 17.25 -9.21 17.83
#